data_2VQV
#
_entry.id   2VQV
#
_cell.length_a   86.524
_cell.length_b   70.766
_cell.length_c   89.011
_cell.angle_alpha   90.00
_cell.angle_beta   108.57
_cell.angle_gamma   90.00
#
_symmetry.space_group_name_H-M   'P 1 21 1'
#
loop_
_entity.id
_entity.type
_entity.pdbx_description
1 polymer 'HISTONE DEACETYLASE 4'
2 non-polymer 'SULFATE ION'
3 non-polymer 'POTASSIUM ION'
4 non-polymer N-hydroxy-5-[(3-phenyl-5,6-dihydroimidazo[1,2-a]pyrazin-7(8H)-yl)carbonyl]thiophene-2-carboxamide
5 non-polymer 'ZINC ION'
6 water water
#
_entity_poly.entity_id   1
_entity_poly.type   'polypeptide(L)'
_entity_poly.pdbx_seq_one_letter_code
;GAMTKPRFTTGLVYDTLMLKHQCTAGSSSSHPEHAGRIQSIWSRLQETGLRGKCEAIRGRKATLEELQTVHSEAHTLLYG
TNPLNRQKLDSKKLLGSLASVFVRLPCGGVGVDSDTIWNEVHSAGAARLAVGCVVELVFKVATGELKNGFAVVRPPGHHA
EESTPMGFCYFNSVAVAAKLLQQRLSVSKILIVDWDVHHGNGTQQAFYSDPSVLYMSLHRYDDGNFFPGSGAPDEVGTGP
GVGFNVNMAFTGGLDPPMGDAEYLAAFRTVVMPIASEFAPDVVLVSSGFDAVEGHPTPLGGYNLSARCFGYLTKQLMGLA
GGRIVLALEGGYDLTAICDASEACVSALLGNELDPLPEKVLQQRPNANAVRSMEKVMEIHSKYWRCLQRTTSTAGRSLIE
AQTCENEEAETVT
;
_entity_poly.pdbx_strand_id   A,B
#
# COMPACT_ATOMS: atom_id res chain seq x y z
N ARG A 7 -1.28 -28.68 30.18
CA ARG A 7 -0.67 -29.73 29.32
C ARG A 7 0.46 -29.11 28.48
N PHE A 8 1.60 -29.79 28.46
CA PHE A 8 2.78 -29.37 27.68
C PHE A 8 2.68 -29.96 26.28
N THR A 9 1.96 -29.25 25.40
CA THR A 9 1.72 -29.72 24.02
C THR A 9 1.69 -28.57 23.01
N THR A 10 1.21 -28.86 21.81
CA THR A 10 1.18 -27.89 20.71
C THR A 10 0.03 -26.92 20.84
N GLY A 11 0.33 -25.64 21.02
CA GLY A 11 -0.70 -24.61 21.15
C GLY A 11 -1.18 -24.11 19.80
N LEU A 12 -2.35 -23.47 19.79
CA LEU A 12 -2.84 -22.72 18.62
C LEU A 12 -3.29 -21.35 19.08
N VAL A 13 -3.47 -20.43 18.15
CA VAL A 13 -4.13 -19.15 18.44
C VAL A 13 -5.17 -18.86 17.37
N TYR A 14 -6.40 -18.65 17.81
CA TYR A 14 -7.46 -18.24 16.91
C TYR A 14 -8.25 -17.11 17.52
N ASP A 15 -8.90 -16.34 16.67
CA ASP A 15 -9.87 -15.36 17.15
C ASP A 15 -10.78 -14.96 15.99
N THR A 16 -12.08 -14.96 16.25
CA THR A 16 -13.04 -14.61 15.22
C THR A 16 -13.24 -13.10 15.05
N LEU A 17 -12.66 -12.29 15.94
CA LEU A 17 -12.67 -10.83 15.73
C LEU A 17 -11.72 -10.44 14.58
N MET A 18 -10.85 -11.36 14.18
CA MET A 18 -10.03 -11.18 12.98
C MET A 18 -10.79 -11.42 11.67
N LEU A 19 -12.06 -11.84 11.75
CA LEU A 19 -12.82 -12.21 10.56
C LEU A 19 -13.55 -11.02 9.93
N LYS A 20 -13.66 -11.05 8.60
CA LYS A 20 -14.36 -10.03 7.81
C LYS A 20 -15.85 -10.00 8.13
C HIS A 34 -17.77 -18.24 3.22
N ALA A 35 -17.04 -19.27 3.64
CA ALA A 35 -16.08 -19.16 4.74
C ALA A 35 -14.72 -18.63 4.26
N GLY A 36 -14.03 -17.88 5.13
CA GLY A 36 -12.72 -17.29 4.80
C GLY A 36 -11.57 -18.25 5.02
N ARG A 37 -10.34 -17.77 4.81
CA ARG A 37 -9.12 -18.61 4.94
C ARG A 37 -8.95 -19.15 6.36
N ILE A 38 -8.63 -18.29 7.32
CA ILE A 38 -8.40 -18.73 8.69
C ILE A 38 -9.59 -19.50 9.26
N GLN A 39 -10.81 -19.18 8.79
CA GLN A 39 -12.01 -19.91 9.21
C GLN A 39 -12.01 -21.36 8.68
N SER A 40 -11.65 -21.52 7.42
CA SER A 40 -11.53 -22.85 6.79
C SER A 40 -10.42 -23.68 7.45
N ILE A 41 -9.25 -23.07 7.58
CA ILE A 41 -8.12 -23.69 8.26
C ILE A 41 -8.56 -24.22 9.61
N TRP A 42 -9.09 -23.33 10.45
CA TRP A 42 -9.56 -23.71 11.79
C TRP A 42 -10.56 -24.86 11.71
N SER A 43 -11.46 -24.83 10.73
CA SER A 43 -12.44 -25.89 10.55
C SER A 43 -11.73 -27.21 10.31
N ARG A 44 -10.87 -27.25 9.31
CA ARG A 44 -10.09 -28.46 9.02
C ARG A 44 -9.49 -29.01 10.30
N LEU A 45 -8.79 -28.14 11.04
CA LEU A 45 -8.15 -28.53 12.28
C LEU A 45 -9.12 -29.16 13.28
N GLN A 46 -10.36 -28.68 13.31
CA GLN A 46 -11.36 -29.27 14.19
C GLN A 46 -11.71 -30.67 13.69
N GLU A 47 -12.23 -30.73 12.48
CA GLU A 47 -12.72 -31.99 11.88
C GLU A 47 -11.68 -33.12 11.85
N THR A 48 -10.41 -32.76 11.66
CA THR A 48 -9.34 -33.75 11.63
C THR A 48 -9.00 -34.27 13.03
N GLY A 49 -9.36 -33.50 14.06
CA GLY A 49 -9.13 -33.90 15.44
C GLY A 49 -7.86 -33.31 16.04
N LEU A 50 -7.02 -32.71 15.20
CA LEU A 50 -5.78 -32.10 15.68
C LEU A 50 -6.07 -31.01 16.70
N ARG A 51 -7.13 -30.23 16.45
CA ARG A 51 -7.60 -29.19 17.38
C ARG A 51 -7.84 -29.73 18.79
N GLY A 52 -8.39 -30.93 18.89
CA GLY A 52 -8.60 -31.59 20.19
C GLY A 52 -7.31 -31.79 20.95
N LYS A 53 -6.31 -32.37 20.27
CA LYS A 53 -5.01 -32.69 20.87
C LYS A 53 -4.17 -31.44 21.21
N CYS A 54 -4.53 -30.31 20.62
CA CYS A 54 -3.86 -29.03 20.88
C CYS A 54 -4.55 -28.22 21.99
N GLU A 55 -3.82 -27.27 22.55
CA GLU A 55 -4.35 -26.39 23.61
C GLU A 55 -4.67 -25.00 23.07
N ALA A 56 -5.93 -24.73 22.76
CA ALA A 56 -6.30 -23.43 22.18
C ALA A 56 -6.19 -22.32 23.21
N ILE A 57 -5.32 -21.35 22.98
CA ILE A 57 -5.11 -20.25 23.93
C ILE A 57 -5.87 -18.97 23.59
N ARG A 58 -5.83 -18.01 24.51
CA ARG A 58 -6.58 -16.77 24.38
C ARG A 58 -5.70 -15.69 23.78
N GLY A 59 -6.30 -14.90 22.88
CA GLY A 59 -5.60 -13.81 22.22
C GLY A 59 -5.88 -12.44 22.82
N ARG A 60 -5.23 -11.43 22.25
CA ARG A 60 -5.39 -10.05 22.68
C ARG A 60 -4.87 -9.11 21.61
N LYS A 61 -5.29 -7.86 21.67
CA LYS A 61 -4.70 -6.81 20.84
C LYS A 61 -3.22 -6.64 21.21
N ALA A 62 -2.40 -6.32 20.22
CA ALA A 62 -1.05 -5.86 20.47
C ALA A 62 -1.10 -4.46 21.09
N THR A 63 -0.17 -4.15 22.00
CA THR A 63 -0.11 -2.82 22.59
C THR A 63 0.65 -1.88 21.67
N LEU A 64 0.27 -0.60 21.70
CA LEU A 64 0.97 0.43 20.93
C LEU A 64 2.48 0.35 21.12
N GLU A 65 2.91 0.10 22.35
CA GLU A 65 4.34 -0.04 22.67
C GLU A 65 4.95 -1.27 21.98
N GLU A 66 4.21 -2.38 21.98
CA GLU A 66 4.68 -3.60 21.33
C GLU A 66 4.88 -3.39 19.83
N LEU A 67 3.92 -2.74 19.17
CA LEU A 67 4.02 -2.50 17.74
C LEU A 67 5.19 -1.57 17.40
N GLN A 68 5.58 -0.70 18.33
CA GLN A 68 6.62 0.28 18.05
C GLN A 68 8.05 -0.27 18.15
N THR A 69 8.18 -1.53 18.56
CA THR A 69 9.47 -2.24 18.49
C THR A 69 9.97 -2.34 17.05
N VAL A 70 9.03 -2.48 16.12
CA VAL A 70 9.33 -2.69 14.70
C VAL A 70 8.97 -1.47 13.85
N HIS A 71 7.82 -0.87 14.12
CA HIS A 71 7.31 0.24 13.30
C HIS A 71 7.46 1.59 13.98
N SER A 72 7.29 2.64 13.20
CA SER A 72 7.35 4.00 13.70
C SER A 72 6.06 4.36 14.42
N GLU A 73 6.16 5.30 15.35
CA GLU A 73 5.00 5.80 16.10
C GLU A 73 3.97 6.39 15.14
N ALA A 74 4.43 7.20 14.20
CA ALA A 74 3.57 7.74 13.15
C ALA A 74 2.74 6.65 12.46
N HIS A 75 3.39 5.54 12.11
CA HIS A 75 2.73 4.39 11.48
C HIS A 75 1.78 3.71 12.47
N THR A 76 2.24 3.53 13.70
CA THR A 76 1.44 2.89 14.74
C THR A 76 0.17 3.69 15.01
N LEU A 77 0.35 5.00 15.16
CA LEU A 77 -0.76 5.90 15.48
C LEU A 77 -1.78 5.96 14.35
N LEU A 78 -1.29 5.98 13.11
CA LEU A 78 -2.19 6.05 11.96
C LEU A 78 -3.08 4.81 11.87
N TYR A 79 -2.46 3.63 11.93
CA TYR A 79 -3.15 2.36 11.63
C TYR A 79 -3.54 1.51 12.85
N GLY A 80 -2.90 1.76 14.00
CA GLY A 80 -3.17 0.99 15.22
C GLY A 80 -4.41 1.40 16.02
N THR A 81 -4.82 2.65 15.89
CA THR A 81 -5.87 3.24 16.73
C THR A 81 -7.29 2.78 16.37
N ASN A 82 -8.14 2.57 17.38
CA ASN A 82 -9.57 2.42 17.15
C ASN A 82 -10.20 3.81 17.04
N PRO A 83 -10.78 4.14 15.88
CA PRO A 83 -11.34 5.48 15.76
C PRO A 83 -12.60 5.65 16.62
N ASP A 115 -16.82 -3.93 1.31
CA ASP A 115 -16.89 -3.25 0.03
C ASP A 115 -16.99 -1.71 0.13
N THR A 116 -16.14 -1.11 0.97
CA THR A 116 -15.87 0.35 0.96
C THR A 116 -14.50 0.65 1.63
N ILE A 117 -14.29 1.89 2.06
CA ILE A 117 -13.08 2.29 2.81
C ILE A 117 -12.94 1.61 4.20
N TRP A 118 -14.07 1.29 4.82
CA TRP A 118 -14.10 0.72 6.18
C TRP A 118 -13.65 -0.73 6.20
N ASN A 119 -13.60 -1.35 5.02
CA ASN A 119 -13.02 -2.67 4.88
C ASN A 119 -11.60 -2.67 5.44
N GLU A 120 -10.74 -1.81 4.87
CA GLU A 120 -9.32 -1.70 5.29
C GLU A 120 -9.16 -1.36 6.78
N VAL A 121 -10.00 -0.48 7.30
CA VAL A 121 -9.94 -0.10 8.71
C VAL A 121 -10.08 -1.30 9.66
N HIS A 122 -11.00 -2.22 9.34
CA HIS A 122 -11.16 -3.45 10.11
C HIS A 122 -9.95 -4.38 9.93
N SER A 123 -9.47 -4.49 8.69
CA SER A 123 -8.25 -5.24 8.38
C SER A 123 -7.02 -4.73 9.13
N ALA A 124 -6.97 -3.42 9.37
CA ALA A 124 -5.94 -2.82 10.22
C ALA A 124 -6.19 -3.20 11.68
N GLY A 125 -7.45 -3.16 12.09
CA GLY A 125 -7.83 -3.57 13.45
C GLY A 125 -7.60 -5.05 13.70
N ALA A 126 -7.76 -5.86 12.64
CA ALA A 126 -7.46 -7.30 12.68
C ALA A 126 -5.97 -7.52 12.79
N ALA A 127 -5.21 -6.84 11.95
CA ALA A 127 -3.75 -6.94 11.95
C ALA A 127 -3.14 -6.67 13.32
N ARG A 128 -3.71 -5.72 14.05
CA ARG A 128 -3.25 -5.37 15.39
C ARG A 128 -3.43 -6.55 16.33
N LEU A 129 -4.60 -7.18 16.25
CA LEU A 129 -4.92 -8.37 17.05
C LEU A 129 -4.02 -9.54 16.65
N ALA A 130 -3.74 -9.62 15.34
CA ALA A 130 -2.86 -10.65 14.81
C ALA A 130 -1.54 -10.60 15.56
N VAL A 131 -0.92 -9.43 15.62
CA VAL A 131 0.37 -9.29 16.28
C VAL A 131 0.30 -9.75 17.75
N GLY A 132 -0.82 -9.45 18.42
CA GLY A 132 -1.00 -9.83 19.82
C GLY A 132 -1.06 -11.33 20.01
N CYS A 133 -1.83 -12.00 19.17
CA CYS A 133 -1.89 -13.46 19.17
C CYS A 133 -0.50 -14.10 18.96
N VAL A 134 0.23 -13.57 17.98
CA VAL A 134 1.55 -14.08 17.63
C VAL A 134 2.56 -13.78 18.74
N VAL A 135 2.43 -12.62 19.37
CA VAL A 135 3.22 -12.31 20.55
C VAL A 135 2.89 -13.31 21.66
N GLU A 136 1.60 -13.54 21.86
CA GLU A 136 1.15 -14.36 22.98
C GLU A 136 1.56 -15.81 22.87
N LEU A 137 1.42 -16.40 21.69
CA LEU A 137 1.81 -17.80 21.47
C LEU A 137 3.32 -17.97 21.68
N VAL A 138 4.08 -17.10 21.01
CA VAL A 138 5.54 -17.16 21.04
C VAL A 138 6.09 -17.13 22.46
N PHE A 139 5.56 -16.26 23.30
CA PHE A 139 6.01 -16.18 24.68
C PHE A 139 5.69 -17.46 25.46
N LYS A 140 4.50 -18.02 25.25
CA LYS A 140 4.10 -19.25 25.94
C LYS A 140 4.94 -20.47 25.55
N VAL A 141 5.33 -20.54 24.28
CA VAL A 141 6.22 -21.60 23.84
C VAL A 141 7.64 -21.33 24.34
N ALA A 142 8.09 -20.08 24.23
CA ALA A 142 9.46 -19.72 24.62
C ALA A 142 9.76 -19.92 26.12
N THR A 143 8.76 -19.69 26.97
CA THR A 143 8.95 -19.75 28.42
C THR A 143 8.76 -21.15 29.00
N GLY A 144 8.29 -22.08 28.15
CA GLY A 144 8.11 -23.48 28.54
C GLY A 144 6.65 -23.90 28.65
N GLU A 145 5.79 -22.95 29.00
CA GLU A 145 4.35 -23.23 29.17
C GLU A 145 3.81 -24.18 28.10
N LEU A 146 4.29 -24.03 26.86
CA LEU A 146 3.91 -24.93 25.76
C LEU A 146 5.13 -25.45 25.00
N LYS A 147 4.95 -26.56 24.30
CA LYS A 147 6.04 -27.17 23.53
C LYS A 147 6.28 -26.43 22.24
N ASN A 148 5.25 -26.35 21.40
CA ASN A 148 5.32 -25.61 20.13
C ASN A 148 3.95 -24.99 19.75
N GLY A 149 3.88 -24.29 18.62
CA GLY A 149 2.65 -23.58 18.26
C GLY A 149 2.31 -23.48 16.78
N PHE A 150 1.20 -22.80 16.52
CA PHE A 150 0.76 -22.45 15.17
C PHE A 150 -0.31 -21.36 15.29
N ALA A 151 0.00 -20.18 14.76
CA ALA A 151 -0.92 -19.04 14.80
C ALA A 151 -1.75 -19.01 13.53
N VAL A 152 -3.04 -19.33 13.66
CA VAL A 152 -3.98 -19.20 12.55
C VAL A 152 -4.51 -17.77 12.52
N VAL A 153 -3.70 -16.88 11.95
CA VAL A 153 -3.95 -15.46 12.04
C VAL A 153 -3.94 -14.82 10.67
N ARG A 154 -4.64 -13.70 10.55
CA ARG A 154 -4.67 -12.94 9.31
C ARG A 154 -4.90 -11.47 9.67
N PRO A 155 -4.45 -10.53 8.82
CA PRO A 155 -3.74 -10.69 7.54
C PRO A 155 -2.30 -11.16 7.70
N PRO A 156 -1.60 -11.42 6.58
CA PRO A 156 -0.15 -11.59 6.63
C PRO A 156 0.58 -10.35 7.17
N GLY A 157 1.86 -10.50 7.45
CA GLY A 157 2.63 -9.43 8.08
C GLY A 157 3.98 -9.12 7.47
N HIS A 158 4.69 -10.15 7.00
CA HIS A 158 6.13 -10.04 6.66
C HIS A 158 6.49 -8.99 5.58
N HIS A 159 5.46 -8.40 4.95
CA HIS A 159 5.66 -7.32 3.98
C HIS A 159 5.68 -5.93 4.62
N ALA A 160 4.87 -5.69 5.65
CA ALA A 160 4.81 -4.34 6.21
C ALA A 160 6.18 -3.93 6.73
N GLU A 161 6.65 -2.78 6.25
CA GLU A 161 7.98 -2.24 6.63
C GLU A 161 7.84 -1.15 7.71
N GLU A 162 8.98 -0.57 8.12
CA GLU A 162 9.03 0.30 9.31
C GLU A 162 7.84 1.24 9.41
N SER A 163 7.59 1.99 8.34
CA SER A 163 6.46 2.92 8.29
C SER A 163 5.82 2.89 6.91
N THR A 164 5.57 1.67 6.43
CA THR A 164 4.95 1.45 5.13
C THR A 164 4.08 0.19 5.17
N PRO A 165 2.76 0.33 4.91
CA PRO A 165 1.91 -0.83 4.80
C PRO A 165 1.81 -1.28 3.36
N MET A 166 2.31 -2.48 3.06
CA MET A 166 2.27 -3.03 1.70
C MET A 166 1.95 -4.52 1.69
N GLY A 167 1.52 -5.01 0.53
CA GLY A 167 1.26 -6.43 0.31
C GLY A 167 0.21 -7.03 1.22
N PHE A 168 -0.86 -6.28 1.47
CA PHE A 168 -1.92 -6.68 2.40
C PHE A 168 -1.49 -6.68 3.87
N CYS A 169 -0.28 -6.19 4.14
CA CYS A 169 0.32 -6.29 5.47
C CYS A 169 0.39 -4.95 6.16
N TYR A 170 -0.10 -4.90 7.39
CA TYR A 170 -0.06 -3.67 8.19
C TYR A 170 1.00 -3.71 9.30
N PHE A 171 1.18 -4.86 9.93
CA PHE A 171 2.14 -4.99 11.02
C PHE A 171 2.83 -6.36 10.98
N ASN A 172 4.16 -6.32 10.95
CA ASN A 172 4.98 -7.53 10.92
C ASN A 172 4.89 -8.30 12.23
N SER A 173 3.93 -9.21 12.28
CA SER A 173 3.69 -10.05 13.47
C SER A 173 4.94 -10.74 13.94
N VAL A 174 5.48 -11.61 13.09
CA VAL A 174 6.60 -12.46 13.48
C VAL A 174 7.79 -11.63 13.98
N ALA A 175 7.96 -10.44 13.39
CA ALA A 175 9.04 -9.52 13.76
C ALA A 175 8.84 -8.96 15.17
N VAL A 176 7.73 -8.29 15.42
CA VAL A 176 7.44 -7.72 16.74
C VAL A 176 7.62 -8.82 17.80
N ALA A 177 7.17 -10.03 17.48
CA ALA A 177 7.38 -11.20 18.35
C ALA A 177 8.86 -11.42 18.67
N ALA A 178 9.69 -11.49 17.63
CA ALA A 178 11.12 -11.61 17.80
C ALA A 178 11.73 -10.46 18.60
N LYS A 179 11.25 -9.24 18.36
CA LYS A 179 11.78 -8.05 19.02
C LYS A 179 11.57 -8.13 20.52
N LEU A 180 10.39 -8.58 20.93
CA LEU A 180 10.06 -8.67 22.35
C LEU A 180 10.86 -9.79 23.00
N LEU A 181 11.00 -10.93 22.31
CA LEU A 181 11.82 -12.04 22.82
C LEU A 181 13.19 -11.53 23.26
N GLN A 182 13.84 -10.73 22.42
CA GLN A 182 15.11 -10.13 22.77
C GLN A 182 14.93 -9.31 24.04
N GLN A 183 14.08 -8.27 23.96
CA GLN A 183 13.97 -7.25 25.02
C GLN A 183 13.50 -7.78 26.37
N ARG A 184 12.44 -8.59 26.36
CA ARG A 184 11.77 -9.01 27.59
C ARG A 184 12.16 -10.41 28.09
N LEU A 185 12.89 -11.17 27.29
CA LEU A 185 13.43 -12.47 27.73
C LEU A 185 14.90 -12.68 27.40
N SER A 186 15.61 -11.62 26.98
CA SER A 186 17.04 -11.70 26.66
C SER A 186 17.42 -12.99 25.95
N VAL A 187 16.69 -13.29 24.88
CA VAL A 187 16.99 -14.45 24.05
C VAL A 187 18.18 -14.09 23.17
N SER A 188 19.17 -14.98 23.12
CA SER A 188 20.45 -14.69 22.47
C SER A 188 20.47 -14.99 20.97
N LYS A 189 19.69 -15.98 20.52
CA LYS A 189 19.64 -16.34 19.11
C LYS A 189 18.24 -16.78 18.65
N ILE A 190 17.67 -16.05 17.69
CA ILE A 190 16.36 -16.34 17.14
C ILE A 190 16.51 -16.64 15.66
N LEU A 191 15.94 -17.76 15.23
CA LEU A 191 15.94 -18.14 13.81
C LEU A 191 14.59 -17.78 13.23
N ILE A 192 14.59 -17.04 12.13
CA ILE A 192 13.37 -16.78 11.38
C ILE A 192 13.48 -17.36 9.97
N VAL A 193 12.79 -18.48 9.78
CA VAL A 193 12.61 -19.08 8.47
C VAL A 193 11.32 -18.52 7.90
N ASP A 194 11.35 -18.05 6.66
CA ASP A 194 10.17 -17.46 6.04
C ASP A 194 9.91 -18.18 4.73
N TRP A 195 9.10 -19.24 4.77
CA TRP A 195 8.86 -20.05 3.57
C TRP A 195 7.58 -19.66 2.78
N ASP A 196 7.02 -18.50 3.04
CA ASP A 196 6.03 -17.91 2.12
C ASP A 196 6.70 -17.84 0.75
N VAL A 197 5.93 -17.88 -0.33
CA VAL A 197 6.54 -17.85 -1.65
C VAL A 197 7.25 -16.52 -1.91
N HIS A 198 6.74 -15.45 -1.32
CA HIS A 198 7.27 -14.09 -1.56
C HIS A 198 8.41 -13.76 -0.61
N HIS A 199 9.17 -12.71 -0.93
CA HIS A 199 10.25 -12.27 -0.04
C HIS A 199 9.68 -11.52 1.17
N GLY A 200 10.23 -11.78 2.34
CA GLY A 200 9.79 -11.12 3.56
C GLY A 200 10.54 -9.81 3.76
N ASN A 201 10.21 -8.83 2.92
CA ASN A 201 10.91 -7.53 2.91
C ASN A 201 10.83 -6.80 4.24
N GLY A 202 9.69 -6.90 4.92
CA GLY A 202 9.56 -6.29 6.23
C GLY A 202 10.56 -6.90 7.19
N THR A 203 10.57 -8.22 7.22
CA THR A 203 11.37 -8.99 8.19
C THR A 203 12.86 -8.86 7.94
N GLN A 204 13.27 -8.82 6.67
CA GLN A 204 14.67 -8.57 6.33
C GLN A 204 15.14 -7.24 6.91
N GLN A 205 14.36 -6.19 6.63
CA GLN A 205 14.69 -4.82 7.06
C GLN A 205 14.79 -4.69 8.58
N ALA A 206 13.85 -5.31 9.29
CA ALA A 206 13.80 -5.24 10.75
C ALA A 206 15.12 -5.58 11.41
N PHE A 207 15.75 -6.65 10.92
CA PHE A 207 16.97 -7.18 11.52
C PHE A 207 18.17 -7.14 10.59
N TYR A 208 18.20 -6.25 9.62
CA TYR A 208 19.32 -6.19 8.65
C TYR A 208 20.67 -5.80 9.27
N SER A 209 20.70 -5.41 10.56
CA SER A 209 21.95 -5.10 11.26
C SER A 209 22.21 -5.91 12.53
N ASP A 210 21.26 -6.76 12.92
CA ASP A 210 21.33 -7.48 14.20
C ASP A 210 21.76 -8.91 13.91
N PRO A 211 23.02 -9.27 14.23
CA PRO A 211 23.49 -10.65 14.01
C PRO A 211 22.93 -11.68 14.99
N SER A 212 22.12 -11.28 15.96
CA SER A 212 21.51 -12.22 16.89
C SER A 212 20.28 -12.92 16.31
N VAL A 213 19.69 -12.34 15.25
CA VAL A 213 18.51 -12.92 14.57
C VAL A 213 18.84 -13.37 13.13
N LEU A 214 19.10 -14.67 12.97
CA LEU A 214 19.34 -15.27 11.65
C LEU A 214 18.06 -15.30 10.82
N TYR A 215 17.98 -14.44 9.81
CA TYR A 215 16.82 -14.43 8.90
C TYR A 215 17.14 -15.24 7.65
N MET A 216 16.26 -16.19 7.32
CA MET A 216 16.39 -16.94 6.07
C MET A 216 15.06 -16.95 5.33
N SER A 217 15.13 -16.91 4.01
CA SER A 217 13.94 -16.78 3.18
C SER A 217 14.01 -17.61 1.90
N LEU A 218 13.16 -18.62 1.80
CA LEU A 218 12.98 -19.33 0.54
C LEU A 218 11.87 -18.65 -0.25
N HIS A 219 12.20 -18.09 -1.43
CA HIS A 219 11.23 -17.36 -2.25
C HIS A 219 11.48 -17.45 -3.75
N ARG A 220 10.43 -17.11 -4.50
CA ARG A 220 10.54 -16.94 -5.94
C ARG A 220 11.07 -15.53 -6.15
N TYR A 221 12.19 -15.40 -6.87
CA TYR A 221 12.87 -14.12 -7.08
C TYR A 221 12.89 -13.73 -8.56
N ASP A 222 13.33 -14.66 -9.42
CA ASP A 222 13.34 -14.47 -10.88
C ASP A 222 14.13 -13.23 -11.30
N ASP A 223 15.28 -13.00 -10.67
CA ASP A 223 16.07 -11.79 -10.92
C ASP A 223 15.19 -10.53 -10.85
N GLY A 224 14.57 -10.34 -9.68
CA GLY A 224 13.85 -9.11 -9.35
C GLY A 224 12.65 -8.82 -10.23
N ASN A 225 12.04 -9.86 -10.78
CA ASN A 225 10.87 -9.73 -11.65
C ASN A 225 9.61 -10.31 -11.02
N PHE A 226 9.54 -10.28 -9.70
CA PHE A 226 8.43 -10.86 -8.97
C PHE A 226 8.09 -10.01 -7.76
N PHE A 227 6.93 -10.23 -7.15
CA PHE A 227 6.59 -9.49 -5.96
C PHE A 227 7.37 -10.01 -4.75
N PRO A 228 7.90 -9.10 -3.92
CA PRO A 228 7.87 -7.64 -4.03
C PRO A 228 9.00 -7.03 -4.87
N GLY A 229 9.99 -7.82 -5.26
CA GLY A 229 11.11 -7.34 -6.07
C GLY A 229 12.45 -7.41 -5.33
N SER A 230 12.40 -7.32 -4.01
CA SER A 230 13.58 -7.43 -3.17
C SER A 230 14.03 -8.89 -3.02
N GLY A 231 15.15 -9.08 -2.33
CA GLY A 231 15.56 -10.40 -1.88
C GLY A 231 16.63 -11.10 -2.71
N ALA A 232 17.50 -10.33 -3.35
CA ALA A 232 18.63 -10.91 -4.08
C ALA A 232 19.52 -11.69 -3.11
N PRO A 233 20.08 -12.84 -3.55
CA PRO A 233 20.98 -13.65 -2.72
C PRO A 233 22.21 -12.86 -2.27
N ASP A 234 22.62 -11.92 -3.12
CA ASP A 234 23.68 -10.95 -2.84
C ASP A 234 23.45 -10.21 -1.50
N GLU A 235 22.20 -9.82 -1.22
CA GLU A 235 21.84 -9.20 0.07
C GLU A 235 22.17 -10.19 1.18
N VAL A 236 23.12 -9.84 2.05
CA VAL A 236 23.63 -10.77 3.07
C VAL A 236 23.60 -10.20 4.48
N GLY A 237 23.02 -9.02 4.65
CA GLY A 237 23.02 -8.28 5.91
C GLY A 237 23.94 -7.09 5.82
N THR A 238 24.11 -6.38 6.93
CA THR A 238 25.03 -5.23 6.99
C THR A 238 25.55 -5.01 8.40
N GLY A 239 26.60 -4.20 8.49
CA GLY A 239 27.24 -3.87 9.76
C GLY A 239 27.66 -5.10 10.56
N PRO A 240 27.31 -5.13 11.86
CA PRO A 240 27.56 -6.34 12.65
C PRO A 240 26.82 -7.59 12.15
N GLY A 241 25.69 -7.39 11.48
CA GLY A 241 24.82 -8.48 11.03
C GLY A 241 25.07 -8.97 9.61
N VAL A 242 26.30 -8.80 9.12
CA VAL A 242 26.67 -9.42 7.83
C VAL A 242 26.83 -10.95 7.97
N GLY A 243 26.26 -11.68 7.02
CA GLY A 243 26.28 -13.13 7.03
C GLY A 243 25.02 -13.73 7.64
N PHE A 244 24.30 -12.94 8.43
CA PHE A 244 23.15 -13.45 9.16
C PHE A 244 21.81 -13.15 8.47
N ASN A 245 21.85 -12.78 7.19
CA ASN A 245 20.65 -12.66 6.33
C ASN A 245 20.86 -13.51 5.08
N VAL A 246 20.11 -14.60 4.95
CA VAL A 246 20.29 -15.50 3.81
C VAL A 246 19.03 -15.55 2.92
N ASN A 247 19.13 -14.99 1.72
CA ASN A 247 18.07 -15.08 0.73
C ASN A 247 18.27 -16.29 -0.19
N MET A 248 17.57 -17.37 0.13
CA MET A 248 17.48 -18.53 -0.75
C MET A 248 16.53 -18.16 -1.89
N ALA A 249 17.09 -17.51 -2.91
CA ALA A 249 16.32 -16.87 -3.96
C ALA A 249 16.31 -17.68 -5.25
N PHE A 250 15.13 -18.17 -5.61
CA PHE A 250 14.94 -18.96 -6.83
C PHE A 250 14.86 -18.08 -8.07
N THR A 251 15.76 -18.35 -9.02
CA THR A 251 15.79 -17.66 -10.30
C THR A 251 15.65 -18.68 -11.42
N GLY A 252 15.03 -18.26 -12.53
CA GLY A 252 14.84 -19.13 -13.68
C GLY A 252 13.40 -19.35 -14.07
N GLY A 253 12.47 -18.62 -13.47
CA GLY A 253 11.08 -18.67 -13.87
C GLY A 253 10.44 -20.03 -13.62
N LEU A 254 9.46 -20.38 -14.45
CA LEU A 254 8.65 -21.58 -14.25
C LEU A 254 8.98 -22.64 -15.32
N ASP A 255 10.26 -22.92 -15.49
CA ASP A 255 10.74 -23.80 -16.55
C ASP A 255 11.74 -24.84 -15.99
N PRO A 256 11.24 -25.79 -15.19
CA PRO A 256 9.86 -25.93 -14.75
C PRO A 256 9.60 -25.13 -13.49
N PRO A 257 8.38 -25.20 -12.96
CA PRO A 257 8.07 -24.70 -11.62
C PRO A 257 8.80 -25.47 -10.52
N MET A 258 9.29 -24.75 -9.52
CA MET A 258 9.97 -25.36 -8.37
C MET A 258 8.98 -26.17 -7.55
N GLY A 259 9.39 -27.38 -7.17
CA GLY A 259 8.57 -28.28 -6.39
C GLY A 259 9.26 -28.83 -5.16
N ASP A 260 8.71 -29.92 -4.65
CA ASP A 260 9.13 -30.50 -3.38
C ASP A 260 10.63 -30.76 -3.34
N ALA A 261 11.11 -31.60 -4.27
CA ALA A 261 12.54 -31.94 -4.39
C ALA A 261 13.46 -30.72 -4.41
N GLU A 262 13.03 -29.69 -5.12
CA GLU A 262 13.74 -28.40 -5.21
C GLU A 262 13.87 -27.72 -3.85
N TYR A 263 12.74 -27.63 -3.13
CA TYR A 263 12.75 -27.08 -1.78
C TYR A 263 13.43 -28.02 -0.79
N LEU A 264 13.15 -29.31 -0.90
CA LEU A 264 13.79 -30.33 -0.06
C LEU A 264 15.30 -30.32 -0.20
N ALA A 265 15.79 -30.12 -1.43
CA ALA A 265 17.21 -29.93 -1.63
C ALA A 265 17.67 -28.71 -0.87
N ALA A 266 16.98 -27.58 -1.11
CA ALA A 266 17.31 -26.27 -0.52
C ALA A 266 17.48 -26.34 0.98
N PHE A 267 16.63 -27.11 1.64
CA PHE A 267 16.75 -27.35 3.08
C PHE A 267 18.04 -28.10 3.38
N ARG A 268 18.20 -29.23 2.69
CA ARG A 268 19.36 -30.11 2.88
C ARG A 268 20.68 -29.36 2.74
N THR A 269 20.75 -28.43 1.80
CA THR A 269 22.01 -27.78 1.41
C THR A 269 22.26 -26.38 1.98
N VAL A 270 21.20 -25.65 2.37
CA VAL A 270 21.35 -24.26 2.82
C VAL A 270 20.69 -24.00 4.17
N VAL A 271 19.38 -24.15 4.23
CA VAL A 271 18.61 -23.77 5.42
C VAL A 271 19.20 -24.41 6.67
N MET A 272 19.20 -25.75 6.69
CA MET A 272 19.52 -26.53 7.88
C MET A 272 20.99 -26.50 8.29
N PRO A 273 21.92 -26.65 7.33
CA PRO A 273 23.35 -26.47 7.62
C PRO A 273 23.70 -25.17 8.37
N ILE A 274 23.21 -24.03 7.87
CA ILE A 274 23.48 -22.72 8.48
C ILE A 274 22.74 -22.55 9.81
N ALA A 275 21.50 -23.01 9.86
CA ALA A 275 20.69 -22.92 11.07
C ALA A 275 21.30 -23.74 12.22
N SER A 276 21.82 -24.92 11.90
CA SER A 276 22.38 -25.85 12.89
C SER A 276 23.67 -25.31 13.49
N GLU A 277 24.56 -24.87 12.60
CA GLU A 277 25.76 -24.15 12.97
C GLU A 277 25.43 -23.00 13.89
N PHE A 278 24.55 -22.11 13.40
CA PHE A 278 24.08 -20.94 14.15
C PHE A 278 23.45 -21.34 15.47
N ALA A 279 22.60 -22.37 15.44
CA ALA A 279 22.06 -23.00 16.66
C ALA A 279 21.27 -22.01 17.53
N PRO A 280 19.98 -21.82 17.23
CA PRO A 280 19.21 -20.78 17.91
C PRO A 280 18.45 -21.29 19.13
N ASP A 281 17.92 -20.34 19.91
CA ASP A 281 17.12 -20.63 21.10
C ASP A 281 15.62 -20.74 20.75
N VAL A 282 15.18 -19.96 19.76
CA VAL A 282 13.78 -19.94 19.35
C VAL A 282 13.69 -19.86 17.82
N VAL A 283 12.82 -20.68 17.23
CA VAL A 283 12.53 -20.65 15.80
C VAL A 283 11.16 -20.01 15.57
N LEU A 284 11.13 -18.91 14.82
CA LEU A 284 9.87 -18.33 14.38
C LEU A 284 9.74 -18.51 12.87
N VAL A 285 8.75 -19.27 12.42
CA VAL A 285 8.56 -19.49 10.99
C VAL A 285 7.45 -18.60 10.43
N SER A 286 7.80 -17.73 9.49
CA SER A 286 6.77 -17.03 8.70
C SER A 286 6.20 -18.05 7.75
N SER A 287 5.20 -18.80 8.22
CA SER A 287 4.71 -19.97 7.52
C SER A 287 3.63 -19.62 6.49
N GLY A 288 4.06 -19.16 5.32
CA GLY A 288 3.15 -18.90 4.20
C GLY A 288 3.03 -20.10 3.28
N PHE A 289 1.82 -20.36 2.80
CA PHE A 289 1.55 -21.52 1.95
C PHE A 289 1.18 -21.19 0.50
N ASP A 290 1.76 -20.11 -0.04
CA ASP A 290 1.54 -19.77 -1.44
C ASP A 290 2.53 -20.46 -2.40
N ALA A 291 3.45 -21.23 -1.84
CA ALA A 291 4.32 -22.10 -2.66
C ALA A 291 3.61 -23.40 -3.05
N VAL A 292 2.56 -23.75 -2.31
CA VAL A 292 1.84 -24.99 -2.53
C VAL A 292 1.13 -25.00 -3.89
N GLU A 293 0.83 -26.21 -4.38
CA GLU A 293 0.18 -26.40 -5.68
C GLU A 293 -1.24 -25.87 -5.70
N GLY A 294 -1.57 -25.14 -6.76
CA GLY A 294 -2.91 -24.59 -6.93
C GLY A 294 -2.99 -23.09 -6.71
N HIS A 295 -1.83 -22.42 -6.70
CA HIS A 295 -1.77 -20.97 -6.80
C HIS A 295 -1.24 -20.66 -8.20
N PRO A 296 -2.04 -19.98 -9.04
CA PRO A 296 -1.63 -19.72 -10.42
C PRO A 296 -0.35 -18.88 -10.57
N THR A 297 0.09 -18.69 -11.80
CA THR A 297 1.39 -18.06 -12.09
C THR A 297 1.67 -16.84 -11.25
N PRO A 298 0.84 -15.78 -11.35
CA PRO A 298 1.25 -14.50 -10.80
C PRO A 298 1.12 -14.36 -9.27
N LEU A 299 -0.01 -14.77 -8.70
CA LEU A 299 -0.19 -14.67 -7.24
C LEU A 299 0.20 -16.00 -6.59
N GLY A 300 1.32 -16.56 -7.05
CA GLY A 300 1.78 -17.91 -6.69
C GLY A 300 2.91 -18.41 -7.59
N GLY A 301 2.72 -19.55 -8.24
CA GLY A 301 3.66 -20.03 -9.29
C GLY A 301 4.16 -21.46 -9.20
N TYR A 302 4.49 -21.91 -7.99
CA TYR A 302 5.17 -23.19 -7.77
C TYR A 302 4.20 -24.30 -7.39
N ASN A 303 4.71 -25.52 -7.26
CA ASN A 303 3.90 -26.70 -6.98
C ASN A 303 4.47 -27.62 -5.89
N LEU A 304 4.49 -27.11 -4.66
CA LEU A 304 4.82 -27.93 -3.50
C LEU A 304 3.56 -28.65 -3.07
N SER A 305 3.69 -29.90 -2.67
CA SER A 305 2.62 -30.59 -1.95
C SER A 305 2.51 -30.02 -0.54
N ALA A 306 1.35 -30.14 0.08
CA ALA A 306 1.19 -29.75 1.48
C ALA A 306 2.00 -30.68 2.36
N ARG A 307 1.89 -31.97 2.07
CA ARG A 307 2.68 -33.04 2.68
C ARG A 307 4.12 -32.64 2.99
N CYS A 308 4.75 -31.97 2.03
CA CYS A 308 6.13 -31.54 2.16
C CYS A 308 6.36 -30.56 3.31
N PHE A 309 5.44 -29.61 3.48
CA PHE A 309 5.57 -28.62 4.56
C PHE A 309 5.59 -29.25 5.95
N GLY A 310 4.90 -30.39 6.11
CA GLY A 310 5.03 -31.21 7.31
C GLY A 310 6.48 -31.63 7.50
N TYR A 311 7.03 -32.30 6.50
CA TYR A 311 8.44 -32.65 6.50
C TYR A 311 9.33 -31.46 6.87
N LEU A 312 9.01 -30.28 6.35
CA LEU A 312 9.80 -29.07 6.62
C LEU A 312 9.66 -28.61 8.06
N THR A 313 8.46 -28.72 8.60
CA THR A 313 8.24 -28.46 10.01
C THR A 313 9.09 -29.45 10.80
N LYS A 314 8.91 -30.73 10.50
CA LYS A 314 9.62 -31.83 11.15
C LYS A 314 11.13 -31.59 11.20
N GLN A 315 11.71 -31.12 10.12
CA GLN A 315 13.13 -30.80 10.11
C GLN A 315 13.43 -29.58 11.00
N LEU A 316 12.68 -28.50 10.83
CA LEU A 316 12.88 -27.29 11.66
C LEU A 316 12.71 -27.57 13.15
N MET A 317 11.97 -28.62 13.50
CA MET A 317 11.84 -29.05 14.89
C MET A 317 13.14 -29.61 15.47
N GLY A 318 14.10 -29.95 14.61
CA GLY A 318 15.40 -30.42 15.06
C GLY A 318 16.16 -29.38 15.87
N LEU A 319 15.92 -28.10 15.57
CA LEU A 319 16.67 -26.99 16.16
C LEU A 319 16.02 -26.43 17.42
N ALA A 320 16.84 -25.94 18.35
CA ALA A 320 16.39 -25.14 19.50
C ALA A 320 15.48 -25.88 20.49
N GLY A 321 15.74 -27.16 20.72
CA GLY A 321 14.93 -27.98 21.63
C GLY A 321 13.49 -28.20 21.16
N GLY A 322 13.24 -27.93 19.88
CA GLY A 322 11.89 -27.98 19.33
C GLY A 322 11.09 -26.74 19.66
N ARG A 323 11.75 -25.67 20.10
CA ARG A 323 11.07 -24.40 20.43
C ARG A 323 10.59 -23.66 19.18
N ILE A 324 9.66 -24.26 18.44
CA ILE A 324 9.23 -23.73 17.18
C ILE A 324 7.82 -23.20 17.30
N VAL A 325 7.56 -22.10 16.58
CA VAL A 325 6.23 -21.55 16.40
C VAL A 325 6.07 -21.15 14.94
N LEU A 326 4.99 -21.62 14.31
CA LEU A 326 4.65 -21.21 12.95
C LEU A 326 3.56 -20.15 13.02
N ALA A 327 3.52 -19.27 12.03
CA ALA A 327 2.53 -18.21 11.97
C ALA A 327 2.11 -18.00 10.53
N LEU A 328 0.80 -18.00 10.27
CA LEU A 328 0.26 -17.90 8.92
C LEU A 328 0.59 -16.56 8.26
N GLU A 329 1.04 -16.64 7.00
CA GLU A 329 1.33 -15.47 6.19
C GLU A 329 0.46 -15.57 4.92
N GLY A 330 1.03 -16.02 3.81
CA GLY A 330 0.28 -16.12 2.54
C GLY A 330 -0.37 -17.47 2.28
N GLY A 331 -0.73 -17.72 1.02
CA GLY A 331 -1.43 -18.95 0.65
C GLY A 331 -2.94 -18.77 0.65
N TYR A 332 -3.53 -18.79 -0.54
CA TYR A 332 -4.92 -18.34 -0.74
C TYR A 332 -5.89 -19.39 -1.27
N ASP A 333 -5.37 -20.47 -1.86
CA ASP A 333 -6.21 -21.60 -2.26
C ASP A 333 -6.63 -22.38 -1.02
N LEU A 334 -7.94 -22.50 -0.83
CA LEU A 334 -8.50 -22.97 0.43
C LEU A 334 -8.19 -24.43 0.73
N THR A 335 -8.16 -25.28 -0.29
CA THR A 335 -7.73 -26.68 -0.11
C THR A 335 -6.26 -26.76 0.29
N ALA A 336 -5.42 -26.05 -0.45
CA ALA A 336 -3.98 -26.05 -0.24
C ALA A 336 -3.58 -25.63 1.17
N ILE A 337 -4.14 -24.53 1.64
CA ILE A 337 -3.76 -23.98 2.94
C ILE A 337 -4.36 -24.80 4.08
N CYS A 338 -5.49 -25.45 3.83
CA CYS A 338 -6.05 -26.38 4.80
C CYS A 338 -5.18 -27.64 4.89
N ASP A 339 -4.82 -28.20 3.73
CA ASP A 339 -3.92 -29.34 3.67
C ASP A 339 -2.65 -29.08 4.46
N ALA A 340 -1.92 -28.02 4.07
CA ALA A 340 -0.63 -27.72 4.70
C ALA A 340 -0.77 -27.49 6.21
N SER A 341 -1.80 -26.76 6.60
CA SER A 341 -2.08 -26.55 8.01
C SER A 341 -2.25 -27.89 8.72
N GLU A 342 -2.99 -28.81 8.10
CA GLU A 342 -3.18 -30.16 8.66
C GLU A 342 -1.82 -30.85 8.85
N ALA A 343 -0.99 -30.74 7.83
CA ALA A 343 0.32 -31.38 7.83
C ALA A 343 1.29 -30.76 8.86
N CYS A 344 1.31 -29.44 8.92
CA CYS A 344 2.21 -28.73 9.82
C CYS A 344 1.90 -29.02 11.28
N VAL A 345 0.62 -28.94 11.62
CA VAL A 345 0.19 -29.16 12.99
C VAL A 345 0.38 -30.62 13.39
N SER A 346 0.03 -31.53 12.48
CA SER A 346 0.25 -32.95 12.73
C SER A 346 1.70 -33.21 13.15
N ALA A 347 2.63 -32.66 12.36
CA ALA A 347 4.07 -32.76 12.65
C ALA A 347 4.46 -32.11 13.97
N LEU A 348 3.83 -30.98 14.29
CA LEU A 348 4.06 -30.31 15.59
C LEU A 348 3.68 -31.20 16.78
N LEU A 349 2.57 -31.92 16.64
CA LEU A 349 2.13 -32.88 17.65
C LEU A 349 2.99 -34.15 17.66
N GLY A 350 3.90 -34.28 16.69
CA GLY A 350 4.80 -35.42 16.63
C GLY A 350 4.11 -36.66 16.16
N ASN A 351 3.01 -36.49 15.41
CA ASN A 351 2.32 -37.61 14.79
C ASN A 351 3.16 -38.20 13.67
N GLU A 352 3.05 -39.50 13.47
CA GLU A 352 3.76 -40.19 12.40
C GLU A 352 3.25 -39.65 11.07
N LEU A 353 4.19 -39.26 10.21
CA LEU A 353 3.87 -38.54 8.98
C LEU A 353 3.57 -39.47 7.81
N ASP A 354 2.74 -38.98 6.89
CA ASP A 354 2.47 -39.70 5.65
C ASP A 354 3.72 -39.66 4.75
N PRO A 355 4.32 -40.83 4.48
CA PRO A 355 5.56 -40.86 3.70
C PRO A 355 5.44 -40.16 2.34
N LEU A 356 6.55 -39.57 1.90
CA LEU A 356 6.61 -38.87 0.62
C LEU A 356 6.59 -39.86 -0.54
N PRO A 357 5.96 -39.47 -1.67
CA PRO A 357 5.92 -40.37 -2.82
C PRO A 357 7.31 -40.74 -3.33
N GLU A 358 7.63 -42.03 -3.30
CA GLU A 358 8.91 -42.55 -3.82
C GLU A 358 9.50 -41.64 -4.91
N LYS A 359 8.66 -41.33 -5.90
CA LYS A 359 9.00 -40.41 -6.98
C LYS A 359 9.77 -39.17 -6.49
N VAL A 360 9.13 -38.39 -5.62
CA VAL A 360 9.71 -37.13 -5.14
C VAL A 360 11.02 -37.36 -4.38
N LEU A 361 11.06 -38.42 -3.58
CA LEU A 361 12.29 -38.81 -2.86
C LEU A 361 13.43 -39.16 -3.82
N GLN A 362 13.08 -39.70 -4.99
CA GLN A 362 14.06 -40.09 -6.01
C GLN A 362 14.40 -38.99 -7.00
N GLN A 363 13.58 -37.95 -7.12
CA GLN A 363 13.76 -36.92 -8.15
C GLN A 363 14.90 -35.93 -7.87
N ARG A 364 15.82 -35.79 -8.83
CA ARG A 364 16.89 -34.78 -8.75
C ARG A 364 16.33 -33.38 -9.02
N PRO A 365 16.86 -32.36 -8.33
CA PRO A 365 16.27 -31.01 -8.48
C PRO A 365 16.55 -30.40 -9.84
N ASN A 366 15.62 -29.60 -10.35
CA ASN A 366 15.79 -29.00 -11.68
C ASN A 366 17.00 -28.04 -11.73
N ALA A 367 17.46 -27.77 -12.95
CA ALA A 367 18.69 -27.02 -13.14
C ALA A 367 18.58 -25.60 -12.57
N ASN A 368 17.50 -24.91 -12.92
CA ASN A 368 17.25 -23.55 -12.42
C ASN A 368 17.38 -23.45 -10.91
N ALA A 369 16.98 -24.51 -10.21
CA ALA A 369 17.16 -24.61 -8.77
C ALA A 369 18.63 -24.80 -8.46
N VAL A 370 19.20 -25.91 -8.93
CA VAL A 370 20.59 -26.28 -8.63
C VAL A 370 21.52 -25.08 -8.84
N ARG A 371 21.25 -24.31 -9.88
CA ARG A 371 21.98 -23.08 -10.17
C ARG A 371 21.68 -21.97 -9.14
N SER A 372 20.42 -21.83 -8.74
CA SER A 372 20.04 -20.87 -7.70
C SER A 372 20.68 -21.21 -6.34
N MET A 373 20.83 -22.50 -6.06
CA MET A 373 21.39 -22.95 -4.78
C MET A 373 22.89 -22.72 -4.69
N GLU A 374 23.58 -23.05 -5.77
CA GLU A 374 25.03 -22.92 -5.84
C GLU A 374 25.49 -21.46 -5.73
N LYS A 375 24.71 -20.55 -6.32
CA LYS A 375 24.98 -19.11 -6.21
C LYS A 375 24.83 -18.63 -4.76
N VAL A 376 23.76 -19.05 -4.10
CA VAL A 376 23.51 -18.67 -2.72
C VAL A 376 24.54 -19.31 -1.80
N MET A 377 24.76 -20.61 -1.98
CA MET A 377 25.82 -21.34 -1.26
C MET A 377 27.19 -20.65 -1.42
N GLU A 378 27.55 -20.33 -2.67
CA GLU A 378 28.81 -19.65 -2.97
C GLU A 378 28.96 -18.39 -2.13
N ILE A 379 27.95 -17.52 -2.18
CA ILE A 379 27.97 -16.25 -1.43
C ILE A 379 28.18 -16.50 0.06
N HIS A 380 27.33 -17.34 0.64
CA HIS A 380 27.35 -17.56 2.09
C HIS A 380 28.39 -18.57 2.57
N SER A 381 29.21 -19.07 1.65
CA SER A 381 30.43 -19.80 2.02
C SER A 381 31.48 -18.84 2.59
N LYS A 382 31.25 -17.53 2.42
CA LYS A 382 32.14 -16.55 3.01
C LYS A 382 31.93 -16.46 4.52
N TYR A 383 30.70 -16.63 4.97
CA TYR A 383 30.36 -16.35 6.37
C TYR A 383 29.97 -17.58 7.20
N TRP A 384 30.07 -18.78 6.63
CA TRP A 384 29.63 -20.01 7.34
C TRP A 384 30.52 -21.21 7.04
N ARG A 385 30.94 -21.90 8.10
CA ARG A 385 31.93 -22.99 7.99
C ARG A 385 31.41 -24.21 7.24
N CYS A 386 30.14 -24.53 7.40
CA CYS A 386 29.54 -25.69 6.73
C CYS A 386 29.41 -25.52 5.21
N LEU A 387 29.71 -24.33 4.70
CA LEU A 387 29.78 -24.06 3.26
C LEU A 387 31.22 -23.89 2.73
N GLN A 388 32.18 -23.74 3.64
CA GLN A 388 33.59 -23.53 3.27
C GLN A 388 34.32 -24.85 3.03
N ARG A 389 33.91 -25.88 3.75
CA ARG A 389 34.57 -27.19 3.67
C ARG A 389 34.32 -27.91 2.34
N THR A 390 33.07 -27.91 1.90
CA THR A 390 32.57 -28.92 0.97
C THR A 390 32.54 -28.48 -0.50
N THR A 391 32.42 -29.48 -1.38
CA THR A 391 32.10 -29.27 -2.78
C THR A 391 30.57 -29.37 -2.92
N SER A 392 30.02 -28.86 -4.03
CA SER A 392 28.56 -28.79 -4.23
C SER A 392 27.91 -30.16 -4.51
N THR A 393 26.75 -30.39 -3.90
CA THR A 393 25.97 -31.61 -4.08
C THR A 393 24.48 -31.32 -4.27
N ALA A 394 24.16 -30.09 -4.68
CA ALA A 394 22.77 -29.63 -4.81
C ALA A 394 22.05 -30.19 -6.05
N GLY A 395 22.75 -31.03 -6.81
CA GLY A 395 22.19 -31.69 -8.00
C GLY A 395 21.60 -33.06 -7.73
N ARG A 396 21.85 -33.58 -6.52
CA ARG A 396 21.41 -34.93 -6.15
C ARG A 396 20.00 -34.98 -5.59
N SER A 397 19.34 -36.12 -5.75
CA SER A 397 18.05 -36.34 -5.12
C SER A 397 18.27 -36.60 -3.64
N LEU A 398 17.17 -36.69 -2.89
CA LEU A 398 17.26 -36.98 -1.47
C LEU A 398 17.87 -38.36 -1.26
N ILE A 399 17.24 -39.37 -1.85
CA ILE A 399 17.68 -40.76 -1.69
C ILE A 399 19.16 -40.91 -2.00
N GLU A 400 19.62 -40.23 -3.04
CA GLU A 400 21.02 -40.25 -3.39
C GLU A 400 21.89 -39.62 -2.30
N ALA A 401 21.60 -38.36 -1.95
CA ALA A 401 22.33 -37.67 -0.88
C ALA A 401 22.51 -38.54 0.38
N GLN A 402 21.47 -39.31 0.72
CA GLN A 402 21.50 -40.23 1.86
C GLN A 402 22.25 -41.54 1.57
N THR A 403 22.22 -41.97 0.31
CA THR A 403 23.04 -43.09 -0.16
C THR A 403 24.54 -42.80 0.00
N CYS A 404 24.88 -41.54 0.26
CA CYS A 404 26.27 -41.09 0.39
C CYS A 404 26.59 -40.41 1.74
N GLU A 405 26.07 -40.98 2.83
CA GLU A 405 26.36 -40.45 4.18
C GLU A 405 27.33 -41.37 4.94
N ARG B 7 -22.57 19.25 -29.64
CA ARG B 7 -22.71 20.37 -28.67
C ARG B 7 -21.36 20.67 -28.03
N PHE B 8 -21.06 21.96 -27.88
CA PHE B 8 -19.83 22.42 -27.24
C PHE B 8 -20.16 22.87 -25.80
N THR B 9 -20.17 21.90 -24.88
CA THR B 9 -20.61 22.11 -23.50
C THR B 9 -19.77 21.28 -22.50
N THR B 10 -20.27 21.16 -21.27
CA THR B 10 -19.57 20.46 -20.19
C THR B 10 -19.73 18.95 -20.30
N GLY B 11 -18.63 18.24 -20.51
CA GLY B 11 -18.65 16.78 -20.60
C GLY B 11 -18.60 16.09 -19.25
N LEU B 12 -19.01 14.82 -19.20
CA LEU B 12 -18.79 13.96 -18.04
C LEU B 12 -18.18 12.65 -18.52
N VAL B 13 -17.63 11.88 -17.58
CA VAL B 13 -17.20 10.51 -17.87
C VAL B 13 -17.70 9.61 -16.76
N TYR B 14 -18.46 8.58 -17.14
CA TYR B 14 -18.89 7.57 -16.19
C TYR B 14 -18.69 6.22 -16.80
N ASP B 15 -18.58 5.20 -15.94
CA ASP B 15 -18.63 3.84 -16.40
C ASP B 15 -18.95 2.94 -15.22
N THR B 16 -19.90 2.04 -15.40
CA THR B 16 -20.30 1.13 -14.33
C THR B 16 -19.37 -0.07 -14.18
N LEU B 17 -18.45 -0.29 -15.12
CA LEU B 17 -17.43 -1.34 -14.94
C LEU B 17 -16.42 -0.96 -13.86
N MET B 18 -16.43 0.31 -13.45
CA MET B 18 -15.65 0.78 -12.29
C MET B 18 -16.30 0.42 -10.94
N LEU B 19 -17.53 -0.12 -10.97
CA LEU B 19 -18.28 -0.38 -9.73
C LEU B 19 -17.94 -1.73 -9.10
N LYS B 20 -17.98 -1.76 -7.76
CA LYS B 20 -17.72 -2.97 -6.97
C LYS B 20 -18.77 -4.04 -7.25
N HIS B 34 -27.81 -0.16 -1.05
CA HIS B 34 -26.43 0.27 -0.79
C HIS B 34 -25.71 0.64 -2.10
N ALA B 35 -25.91 1.89 -2.53
CA ALA B 35 -25.20 2.47 -3.67
C ALA B 35 -23.84 3.04 -3.25
N GLY B 36 -22.86 2.97 -4.15
CA GLY B 36 -21.50 3.44 -3.89
C GLY B 36 -21.34 4.93 -4.15
N ARG B 37 -20.11 5.45 -4.00
CA ARG B 37 -19.83 6.88 -4.17
C ARG B 37 -20.16 7.36 -5.58
N ILE B 38 -19.36 6.96 -6.57
CA ILE B 38 -19.56 7.41 -7.94
C ILE B 38 -20.99 7.12 -8.45
N GLN B 39 -21.61 6.06 -7.94
CA GLN B 39 -22.99 5.76 -8.30
C GLN B 39 -23.95 6.81 -7.75
N SER B 40 -23.77 7.17 -6.48
CA SER B 40 -24.59 8.22 -5.85
C SER B 40 -24.39 9.56 -6.55
N ILE B 41 -23.13 9.94 -6.73
CA ILE B 41 -22.79 11.18 -7.44
C ILE B 41 -23.55 11.22 -8.76
N TRP B 42 -23.36 10.19 -9.57
CA TRP B 42 -24.00 10.11 -10.88
C TRP B 42 -25.53 10.22 -10.77
N SER B 43 -26.09 9.62 -9.74
CA SER B 43 -27.53 9.71 -9.51
C SER B 43 -27.94 11.16 -9.28
N ARG B 44 -27.28 11.81 -8.31
CA ARG B 44 -27.55 13.21 -8.02
C ARG B 44 -27.54 14.01 -9.32
N LEU B 45 -26.49 13.86 -10.09
CA LEU B 45 -26.35 14.56 -11.36
C LEU B 45 -27.52 14.32 -12.30
N GLN B 46 -28.09 13.11 -12.28
CA GLN B 46 -29.26 12.81 -13.11
C GLN B 46 -30.46 13.57 -12.58
N GLU B 47 -30.83 13.29 -11.34
CA GLU B 47 -32.02 13.86 -10.71
C GLU B 47 -32.05 15.40 -10.71
N THR B 48 -30.88 16.02 -10.58
CA THR B 48 -30.79 17.48 -10.57
C THR B 48 -30.99 18.07 -11.96
N GLY B 49 -30.75 17.27 -13.00
CA GLY B 49 -30.93 17.70 -14.39
C GLY B 49 -29.66 18.19 -15.05
N LEU B 50 -28.59 18.30 -14.27
CA LEU B 50 -27.29 18.72 -14.80
C LEU B 50 -26.77 17.69 -15.83
N ARG B 51 -27.01 16.42 -15.55
CA ARG B 51 -26.65 15.33 -16.47
C ARG B 51 -27.25 15.52 -17.86
N GLY B 52 -28.48 16.01 -17.91
CA GLY B 52 -29.14 16.31 -19.19
C GLY B 52 -28.37 17.33 -19.99
N LYS B 53 -28.08 18.47 -19.36
CA LYS B 53 -27.35 19.58 -20.00
C LYS B 53 -25.90 19.27 -20.38
N CYS B 54 -25.35 18.21 -19.81
CA CYS B 54 -24.00 17.76 -20.11
C CYS B 54 -23.98 16.70 -21.20
N GLU B 55 -22.82 16.48 -21.82
CA GLU B 55 -22.63 15.48 -22.86
C GLU B 55 -21.88 14.28 -22.32
N ALA B 56 -22.58 13.21 -21.97
CA ALA B 56 -21.92 12.01 -21.43
C ALA B 56 -21.12 11.25 -22.49
N ILE B 57 -19.80 11.18 -22.31
CA ILE B 57 -18.93 10.54 -23.29
C ILE B 57 -18.58 9.09 -22.94
N ARG B 58 -17.92 8.40 -23.87
CA ARG B 58 -17.58 6.98 -23.72
C ARG B 58 -16.16 6.82 -23.20
N GLY B 59 -15.99 5.89 -22.27
CA GLY B 59 -14.70 5.62 -21.65
C GLY B 59 -13.98 4.43 -22.26
N ARG B 60 -12.78 4.16 -21.75
CA ARG B 60 -11.96 3.04 -22.21
C ARG B 60 -10.88 2.74 -21.18
N LYS B 61 -10.32 1.55 -21.24
CA LYS B 61 -9.14 1.22 -20.44
C LYS B 61 -7.99 2.10 -20.88
N ALA B 62 -7.14 2.47 -19.94
CA ALA B 62 -5.86 3.08 -20.28
C ALA B 62 -4.94 2.03 -20.93
N THR B 63 -4.11 2.44 -21.87
CA THR B 63 -3.15 1.52 -22.48
C THR B 63 -1.90 1.38 -21.61
N LEU B 64 -1.28 0.20 -21.65
CA LEU B 64 -0.03 -0.04 -20.93
C LEU B 64 0.99 1.07 -21.18
N GLU B 65 1.06 1.54 -22.43
CA GLU B 65 1.98 2.63 -22.80
C GLU B 65 1.60 3.94 -22.11
N GLU B 66 0.29 4.22 -22.05
CA GLU B 66 -0.22 5.42 -21.40
C GLU B 66 0.11 5.44 -19.90
N LEU B 67 -0.06 4.31 -19.23
CA LEU B 67 0.25 4.23 -17.81
C LEU B 67 1.74 4.39 -17.54
N GLN B 68 2.58 4.04 -18.51
CA GLN B 68 4.04 4.05 -18.31
C GLN B 68 4.67 5.44 -18.47
N THR B 69 3.86 6.44 -18.83
CA THR B 69 4.30 7.84 -18.80
C THR B 69 4.67 8.28 -17.39
N VAL B 70 3.93 7.75 -16.41
CA VAL B 70 4.06 8.13 -15.00
C VAL B 70 4.68 7.03 -14.15
N HIS B 71 4.27 5.79 -14.39
CA HIS B 71 4.71 4.66 -13.57
C HIS B 71 5.72 3.77 -14.27
N SER B 72 6.35 2.91 -13.50
CA SER B 72 7.32 1.96 -14.04
C SER B 72 6.59 0.80 -14.71
N GLU B 73 7.28 0.16 -15.66
CA GLU B 73 6.76 -1.01 -16.38
C GLU B 73 6.48 -2.13 -15.39
N ALA B 74 7.43 -2.38 -14.49
CA ALA B 74 7.25 -3.35 -13.40
C ALA B 74 5.91 -3.15 -12.66
N HIS B 75 5.62 -1.89 -12.31
CA HIS B 75 4.38 -1.52 -11.63
C HIS B 75 3.19 -1.68 -12.57
N THR B 76 3.35 -1.26 -13.82
CA THR B 76 2.27 -1.36 -14.82
C THR B 76 1.91 -2.82 -15.05
N LEU B 77 2.93 -3.66 -15.22
CA LEU B 77 2.76 -5.09 -15.50
C LEU B 77 2.11 -5.81 -14.34
N LEU B 78 2.53 -5.47 -13.12
CA LEU B 78 1.99 -6.13 -11.95
C LEU B 78 0.50 -5.85 -11.78
N TYR B 79 0.11 -4.57 -11.86
CA TYR B 79 -1.25 -4.15 -11.50
C TYR B 79 -2.17 -3.83 -12.68
N GLY B 80 -1.60 -3.59 -13.86
CA GLY B 80 -2.38 -3.23 -15.05
C GLY B 80 -3.03 -4.39 -15.79
N THR B 81 -2.43 -5.57 -15.68
CA THR B 81 -2.82 -6.75 -16.50
C THR B 81 -4.15 -7.39 -16.07
N ASN B 82 -4.93 -7.85 -17.04
CA ASN B 82 -6.05 -8.73 -16.73
C ASN B 82 -5.50 -10.16 -16.63
N PRO B 83 -5.63 -10.79 -15.44
CA PRO B 83 -5.07 -12.13 -15.32
C PRO B 83 -5.88 -13.12 -16.17
N LEU B 84 -7.20 -13.00 -16.06
CA LEU B 84 -8.14 -13.85 -16.77
C LEU B 84 -8.19 -13.47 -18.25
N ASP B 115 -15.00 -8.99 -0.47
CA ASP B 115 -14.50 -9.50 0.80
C ASP B 115 -13.50 -10.66 0.68
N THR B 116 -12.52 -10.50 -0.22
CA THR B 116 -11.32 -11.38 -0.25
C THR B 116 -10.15 -10.65 -0.99
N ILE B 117 -9.16 -11.40 -1.46
CA ILE B 117 -8.05 -10.85 -2.27
C ILE B 117 -8.48 -10.27 -3.64
N TRP B 118 -9.53 -10.85 -4.20
CA TRP B 118 -9.99 -10.49 -5.55
C TRP B 118 -10.66 -9.13 -5.55
N ASN B 119 -11.03 -8.64 -4.37
CA ASN B 119 -11.51 -7.27 -4.23
C ASN B 119 -10.52 -6.31 -4.87
N GLU B 120 -9.30 -6.31 -4.34
CA GLU B 120 -8.23 -5.41 -4.83
C GLU B 120 -7.96 -5.56 -6.32
N VAL B 121 -7.96 -6.79 -6.83
CA VAL B 121 -7.70 -7.04 -8.25
C VAL B 121 -8.68 -6.31 -9.18
N HIS B 122 -9.96 -6.26 -8.79
CA HIS B 122 -10.97 -5.51 -9.53
C HIS B 122 -10.75 -3.99 -9.37
N SER B 123 -10.41 -3.56 -8.16
CA SER B 123 -10.06 -2.17 -7.88
C SER B 123 -8.84 -1.70 -8.70
N ALA B 124 -7.91 -2.60 -8.97
CA ALA B 124 -6.80 -2.31 -9.87
C ALA B 124 -7.29 -2.22 -11.32
N GLY B 125 -8.18 -3.14 -11.68
CA GLY B 125 -8.80 -3.14 -13.01
C GLY B 125 -9.68 -1.91 -13.23
N ALA B 126 -10.33 -1.45 -12.16
CA ALA B 126 -11.11 -0.22 -12.18
C ALA B 126 -10.19 0.97 -12.37
N ALA B 127 -9.14 1.03 -11.55
CA ALA B 127 -8.17 2.12 -11.62
C ALA B 127 -7.58 2.32 -13.01
N ARG B 128 -7.37 1.23 -13.74
CA ARG B 128 -6.85 1.30 -15.10
C ARG B 128 -7.87 1.99 -16.02
N LEU B 129 -9.14 1.63 -15.86
CA LEU B 129 -10.22 2.24 -16.63
C LEU B 129 -10.38 3.71 -16.23
N ALA B 130 -10.18 4.00 -14.95
CA ALA B 130 -10.24 5.37 -14.45
C ALA B 130 -9.29 6.25 -15.24
N VAL B 131 -8.04 5.83 -15.37
CA VAL B 131 -7.04 6.61 -16.08
C VAL B 131 -7.46 6.86 -17.53
N GLY B 132 -8.10 5.86 -18.15
CA GLY B 132 -8.54 5.97 -19.53
C GLY B 132 -9.63 7.01 -19.69
N CYS B 133 -10.61 6.97 -18.80
CA CYS B 133 -11.68 7.99 -18.77
C CYS B 133 -11.12 9.41 -18.60
N VAL B 134 -10.18 9.55 -17.68
CA VAL B 134 -9.57 10.83 -17.37
C VAL B 134 -8.69 11.30 -18.54
N VAL B 135 -8.00 10.36 -19.19
CA VAL B 135 -7.27 10.68 -20.40
C VAL B 135 -8.24 11.14 -21.47
N GLU B 136 -9.34 10.42 -21.63
CA GLU B 136 -10.29 10.68 -22.72
C GLU B 136 -11.00 12.02 -22.59
N LEU B 137 -11.47 12.35 -21.39
CA LEU B 137 -12.15 13.63 -21.17
C LEU B 137 -11.19 14.78 -21.44
N VAL B 138 -10.01 14.70 -20.83
CA VAL B 138 -9.01 15.75 -20.90
C VAL B 138 -8.64 16.09 -22.33
N PHE B 139 -8.46 15.08 -23.18
CA PHE B 139 -8.15 15.34 -24.58
C PHE B 139 -9.30 16.01 -25.33
N LYS B 140 -10.54 15.60 -25.05
CA LYS B 140 -11.71 16.19 -25.70
C LYS B 140 -11.93 17.66 -25.32
N VAL B 141 -11.65 18.00 -24.08
CA VAL B 141 -11.74 19.40 -23.65
C VAL B 141 -10.54 20.19 -24.21
N ALA B 142 -9.36 19.60 -24.16
CA ALA B 142 -8.13 20.25 -24.60
C ALA B 142 -8.12 20.58 -26.09
N THR B 143 -8.73 19.72 -26.91
CA THR B 143 -8.69 19.88 -28.37
C THR B 143 -9.85 20.74 -28.90
N GLY B 144 -10.78 21.10 -28.03
CA GLY B 144 -11.89 21.96 -28.38
C GLY B 144 -13.22 21.25 -28.44
N GLU B 145 -13.20 19.96 -28.76
CA GLU B 145 -14.43 19.16 -28.85
C GLU B 145 -15.44 19.48 -27.75
N LEU B 146 -14.94 19.74 -26.54
CA LEU B 146 -15.79 20.13 -25.41
C LEU B 146 -15.24 21.37 -24.69
N LYS B 147 -16.12 22.06 -23.95
CA LYS B 147 -15.73 23.27 -23.23
C LYS B 147 -14.99 22.92 -21.94
N ASN B 148 -15.64 22.15 -21.08
CA ASN B 148 -15.01 21.69 -19.84
C ASN B 148 -15.55 20.31 -19.39
N GLY B 149 -15.05 19.79 -18.27
CA GLY B 149 -15.42 18.43 -17.88
C GLY B 149 -15.51 18.14 -16.39
N PHE B 150 -15.84 16.88 -16.09
CA PHE B 150 -15.86 16.34 -14.74
C PHE B 150 -15.88 14.83 -14.84
N ALA B 151 -14.81 14.19 -14.35
CA ALA B 151 -14.68 12.74 -14.37
C ALA B 151 -15.20 12.16 -13.06
N VAL B 152 -16.35 11.49 -13.13
CA VAL B 152 -16.89 10.76 -11.99
C VAL B 152 -16.27 9.37 -11.98
N VAL B 153 -15.04 9.30 -11.46
CA VAL B 153 -14.23 8.10 -11.55
C VAL B 153 -13.72 7.67 -10.20
N ARG B 154 -13.43 6.39 -10.07
CA ARG B 154 -12.87 5.82 -8.84
C ARG B 154 -12.03 4.61 -9.22
N PRO B 155 -11.02 4.26 -8.39
CA PRO B 155 -10.57 4.88 -7.15
C PRO B 155 -9.88 6.23 -7.36
N PRO B 156 -9.52 6.92 -6.27
CA PRO B 156 -8.57 8.05 -6.37
C PRO B 156 -7.22 7.65 -6.97
N GLY B 157 -6.41 8.65 -7.28
CA GLY B 157 -5.16 8.42 -7.98
C GLY B 157 -3.95 9.17 -7.45
N HIS B 158 -4.14 10.40 -6.98
CA HIS B 158 -3.01 11.30 -6.70
C HIS B 158 -1.98 10.81 -5.67
N HIS B 159 -2.27 9.69 -4.99
CA HIS B 159 -1.33 9.08 -4.06
C HIS B 159 -0.38 8.09 -4.72
N ALA B 160 -0.84 7.35 -5.71
CA ALA B 160 0.02 6.33 -6.30
C ALA B 160 1.29 6.97 -6.88
N GLU B 161 2.45 6.46 -6.45
CA GLU B 161 3.74 6.99 -6.89
C GLU B 161 4.35 6.11 -7.98
N GLU B 162 5.56 6.46 -8.45
CA GLU B 162 6.15 5.85 -9.66
C GLU B 162 5.96 4.34 -9.74
N SER B 163 6.35 3.65 -8.67
CA SER B 163 6.18 2.21 -8.58
C SER B 163 5.78 1.82 -7.15
N THR B 164 4.74 2.50 -6.65
CA THR B 164 4.22 2.25 -5.32
C THR B 164 2.71 2.57 -5.29
N PRO B 165 1.88 1.55 -5.01
CA PRO B 165 0.46 1.80 -4.83
C PRO B 165 0.18 2.08 -3.36
N MET B 166 -0.33 3.28 -3.07
CA MET B 166 -0.69 3.64 -1.70
C MET B 166 -1.95 4.50 -1.65
N GLY B 167 -2.54 4.57 -0.46
CA GLY B 167 -3.71 5.42 -0.21
C GLY B 167 -4.93 5.12 -1.07
N PHE B 168 -5.18 3.83 -1.30
CA PHE B 168 -6.28 3.36 -2.17
C PHE B 168 -6.02 3.67 -3.65
N CYS B 169 -4.82 4.12 -3.98
CA CYS B 169 -4.52 4.59 -5.34
C CYS B 169 -3.57 3.66 -6.05
N TYR B 170 -3.94 3.27 -7.27
CA TYR B 170 -3.09 2.40 -8.09
C TYR B 170 -2.40 3.13 -9.23
N PHE B 171 -3.10 4.09 -9.85
CA PHE B 171 -2.54 4.83 -10.99
C PHE B 171 -2.98 6.28 -10.94
N ASN B 172 -2.02 7.19 -10.94
CA ASN B 172 -2.27 8.63 -10.92
C ASN B 172 -2.94 9.10 -12.22
N SER B 173 -4.27 9.08 -12.23
CA SER B 173 -5.06 9.48 -13.39
C SER B 173 -4.66 10.87 -13.90
N VAL B 174 -4.87 11.88 -13.05
CA VAL B 174 -4.67 13.26 -13.48
C VAL B 174 -3.26 13.45 -14.04
N ALA B 175 -2.30 12.71 -13.50
CA ALA B 175 -0.90 12.81 -13.92
C ALA B 175 -0.70 12.28 -15.34
N VAL B 176 -1.03 11.01 -15.56
CA VAL B 176 -0.87 10.39 -16.87
C VAL B 176 -1.55 11.28 -17.91
N ALA B 177 -2.70 11.85 -17.56
CA ALA B 177 -3.42 12.82 -18.42
C ALA B 177 -2.53 14.00 -18.79
N ALA B 178 -1.93 14.63 -17.80
CA ALA B 178 -1.00 15.74 -18.03
C ALA B 178 0.21 15.30 -18.86
N LYS B 179 0.72 14.10 -18.62
CA LYS B 179 1.90 13.61 -19.33
C LYS B 179 1.63 13.48 -20.82
N LEU B 180 0.44 12.99 -21.16
CA LEU B 180 0.08 12.80 -22.56
C LEU B 180 -0.18 14.14 -23.23
N LEU B 181 -0.83 15.07 -22.52
CA LEU B 181 -1.03 16.43 -23.04
C LEU B 181 0.29 17.02 -23.55
N GLN B 182 1.35 16.89 -22.75
CA GLN B 182 2.67 17.34 -23.17
C GLN B 182 3.06 16.62 -24.45
N GLN B 183 3.19 15.29 -24.35
CA GLN B 183 3.77 14.46 -25.41
C GLN B 183 3.02 14.48 -26.75
N ARG B 184 1.69 14.34 -26.68
CA ARG B 184 0.87 14.15 -27.88
C ARG B 184 0.16 15.42 -28.37
N LEU B 185 0.18 16.49 -27.57
CA LEU B 185 -0.36 17.78 -28.01
C LEU B 185 0.57 18.97 -27.74
N SER B 186 1.82 18.70 -27.39
CA SER B 186 2.81 19.75 -27.11
C SER B 186 2.19 20.95 -26.39
N VAL B 187 1.51 20.68 -25.28
CA VAL B 187 0.95 21.72 -24.45
C VAL B 187 2.11 22.30 -23.63
N SER B 188 2.21 23.63 -23.61
CA SER B 188 3.36 24.32 -23.00
C SER B 188 3.23 24.58 -21.50
N LYS B 189 2.01 24.77 -21.01
CA LYS B 189 1.77 25.02 -19.58
C LYS B 189 0.48 24.37 -19.06
N ILE B 190 0.63 23.47 -18.08
CA ILE B 190 -0.49 22.78 -17.46
C ILE B 190 -0.55 23.12 -15.99
N LEU B 191 -1.71 23.56 -15.52
CA LEU B 191 -1.90 23.85 -14.10
C LEU B 191 -2.59 22.67 -13.47
N ILE B 192 -2.04 22.16 -12.38
CA ILE B 192 -2.71 21.13 -11.60
C ILE B 192 -2.99 21.66 -10.21
N VAL B 193 -4.26 21.95 -9.95
CA VAL B 193 -4.75 22.27 -8.62
C VAL B 193 -5.24 20.96 -8.02
N ASP B 194 -4.84 20.67 -6.79
CA ASP B 194 -5.24 19.44 -6.12
C ASP B 194 -5.89 19.80 -4.78
N TRP B 195 -7.21 19.99 -4.78
CA TRP B 195 -7.90 20.44 -3.56
C TRP B 195 -8.52 19.31 -2.72
N ASP B 196 -8.11 18.06 -2.96
CA ASP B 196 -8.36 16.97 -2.01
C ASP B 196 -7.76 17.41 -0.66
N VAL B 197 -8.30 16.94 0.45
CA VAL B 197 -7.79 17.36 1.75
C VAL B 197 -6.35 16.89 1.94
N HIS B 198 -5.98 15.75 1.36
CA HIS B 198 -4.66 15.15 1.56
C HIS B 198 -3.65 15.67 0.54
N HIS B 199 -2.36 15.47 0.80
CA HIS B 199 -1.31 15.88 -0.13
C HIS B 199 -1.25 14.94 -1.32
N GLY B 200 -1.09 15.48 -2.52
CA GLY B 200 -1.00 14.68 -3.74
C GLY B 200 0.43 14.24 -4.03
N ASN B 201 0.93 13.35 -3.16
CA ASN B 201 2.34 12.89 -3.19
C ASN B 201 2.75 12.28 -4.52
N GLY B 202 1.83 11.58 -5.17
CA GLY B 202 2.09 11.02 -6.49
C GLY B 202 2.32 12.14 -7.48
N THR B 203 1.41 13.10 -7.48
CA THR B 203 1.41 14.18 -8.46
C THR B 203 2.56 15.15 -8.27
N GLN B 204 2.96 15.39 -7.02
CA GLN B 204 4.15 16.20 -6.75
C GLN B 204 5.41 15.55 -7.37
N GLN B 205 5.60 14.26 -7.07
CA GLN B 205 6.75 13.50 -7.54
C GLN B 205 6.85 13.46 -9.08
N ALA B 206 5.71 13.25 -9.73
CA ALA B 206 5.64 13.12 -11.19
C ALA B 206 6.33 14.26 -11.90
N PHE B 207 6.08 15.49 -11.43
CA PHE B 207 6.56 16.70 -12.08
C PHE B 207 7.51 17.54 -11.22
N TYR B 208 8.17 16.93 -10.23
CA TYR B 208 9.04 17.69 -9.32
C TYR B 208 10.26 18.32 -10.01
N SER B 209 10.47 18.04 -11.30
CA SER B 209 11.57 18.68 -12.06
C SER B 209 11.12 19.42 -13.32
N ASP B 210 9.84 19.36 -13.66
CA ASP B 210 9.33 19.91 -14.91
C ASP B 210 8.64 21.26 -14.64
N PRO B 211 9.29 22.39 -15.01
CA PRO B 211 8.69 23.71 -14.78
C PRO B 211 7.53 24.06 -15.71
N SER B 212 7.19 23.16 -16.64
CA SER B 212 6.06 23.41 -17.53
C SER B 212 4.72 23.05 -16.88
N VAL B 213 4.74 22.26 -15.81
CA VAL B 213 3.51 21.88 -15.08
C VAL B 213 3.49 22.43 -13.65
N LEU B 214 2.77 23.54 -13.48
CA LEU B 214 2.61 24.16 -12.16
C LEU B 214 1.71 23.31 -11.27
N TYR B 215 2.30 22.67 -10.26
CA TYR B 215 1.51 21.86 -9.31
C TYR B 215 1.23 22.67 -8.06
N MET B 216 -0.04 22.74 -7.67
CA MET B 216 -0.42 23.40 -6.42
C MET B 216 -1.34 22.49 -5.62
N SER B 217 -1.21 22.53 -4.31
CA SER B 217 -1.95 21.63 -3.43
C SER B 217 -2.42 22.30 -2.13
N LEU B 218 -3.74 22.42 -1.98
CA LEU B 218 -4.31 22.85 -0.70
C LEU B 218 -4.61 21.60 0.13
N HIS B 219 -3.92 21.45 1.27
CA HIS B 219 -4.07 20.26 2.12
C HIS B 219 -3.91 20.52 3.61
N ARG B 220 -4.37 19.56 4.40
CA ARG B 220 -4.09 19.53 5.83
C ARG B 220 -2.71 18.89 5.99
N TYR B 221 -1.80 19.60 6.66
CA TYR B 221 -0.41 19.16 6.83
C TYR B 221 -0.07 18.91 8.30
N ASP B 222 -0.36 19.90 9.15
CA ASP B 222 -0.15 19.80 10.60
C ASP B 222 1.29 19.48 10.99
N ASP B 223 2.25 20.09 10.30
CA ASP B 223 3.66 19.77 10.48
C ASP B 223 3.93 18.25 10.42
N GLY B 224 3.57 17.67 9.28
CA GLY B 224 3.89 16.28 8.96
C GLY B 224 3.26 15.24 9.88
N ASN B 225 2.12 15.58 10.48
CA ASN B 225 1.41 14.68 11.39
C ASN B 225 0.07 14.23 10.83
N PHE B 226 -0.01 14.11 9.51
CA PHE B 226 -1.26 13.75 8.85
C PHE B 226 -0.95 12.87 7.64
N PHE B 227 -1.96 12.23 7.08
CA PHE B 227 -1.74 11.43 5.88
C PHE B 227 -1.61 12.32 4.65
N PRO B 228 -0.62 12.03 3.78
CA PRO B 228 0.38 10.95 3.87
C PRO B 228 1.64 11.32 4.64
N GLY B 229 1.81 12.59 4.98
CA GLY B 229 2.98 13.03 5.75
C GLY B 229 3.87 13.99 4.96
N SER B 230 3.83 13.87 3.64
CA SER B 230 4.56 14.78 2.76
C SER B 230 3.86 16.13 2.60
N GLY B 231 4.50 17.03 1.86
CA GLY B 231 3.87 18.27 1.43
C GLY B 231 4.18 19.51 2.24
N ALA B 232 5.38 19.59 2.82
CA ALA B 232 5.82 20.80 3.50
C ALA B 232 5.89 21.97 2.52
N PRO B 233 5.48 23.19 2.96
CA PRO B 233 5.55 24.38 2.11
C PRO B 233 6.96 24.65 1.58
N ASP B 234 7.94 24.27 2.40
CA ASP B 234 9.37 24.30 2.06
C ASP B 234 9.68 23.58 0.73
N GLU B 235 9.02 22.44 0.49
CA GLU B 235 9.15 21.74 -0.80
C GLU B 235 8.63 22.67 -1.90
N VAL B 236 9.51 23.06 -2.81
CA VAL B 236 9.18 24.06 -3.84
C VAL B 236 9.49 23.61 -5.27
N GLY B 237 9.89 22.35 -5.42
CA GLY B 237 10.36 21.81 -6.69
C GLY B 237 11.86 21.61 -6.65
N THR B 238 12.43 21.20 -7.79
CA THR B 238 13.88 21.01 -7.91
C THR B 238 14.36 21.17 -9.34
N GLY B 239 15.67 21.32 -9.49
CA GLY B 239 16.29 21.51 -10.80
C GLY B 239 15.68 22.67 -11.59
N PRO B 240 15.37 22.44 -12.88
CA PRO B 240 14.67 23.47 -13.66
C PRO B 240 13.28 23.86 -13.11
N GLY B 241 12.64 22.93 -12.40
CA GLY B 241 11.28 23.13 -11.89
C GLY B 241 11.18 23.66 -10.46
N VAL B 242 12.19 24.42 -10.02
CA VAL B 242 12.09 25.11 -8.75
C VAL B 242 11.14 26.31 -8.88
N GLY B 243 10.27 26.47 -7.89
CA GLY B 243 9.27 27.53 -7.88
C GLY B 243 7.93 27.07 -8.41
N PHE B 244 7.91 25.99 -9.18
CA PHE B 244 6.69 25.56 -9.87
C PHE B 244 5.95 24.42 -9.12
N ASN B 245 6.31 24.19 -7.85
CA ASN B 245 5.58 23.30 -6.94
C ASN B 245 5.21 24.06 -5.69
N VAL B 246 3.92 24.35 -5.50
CA VAL B 246 3.47 25.13 -4.35
C VAL B 246 2.60 24.29 -3.41
N ASN B 247 3.10 23.99 -2.23
CA ASN B 247 2.31 23.33 -1.20
C ASN B 247 1.65 24.34 -0.26
N MET B 248 0.39 24.65 -0.54
CA MET B 248 -0.44 25.43 0.37
C MET B 248 -0.81 24.52 1.54
N ALA B 249 0.08 24.46 2.53
CA ALA B 249 0.01 23.47 3.59
C ALA B 249 -0.50 24.06 4.91
N PHE B 250 -1.68 23.61 5.34
CA PHE B 250 -2.31 24.08 6.57
C PHE B 250 -1.69 23.41 7.79
N THR B 251 -1.20 24.25 8.72
CA THR B 251 -0.65 23.78 9.99
C THR B 251 -1.41 24.42 11.12
N GLY B 252 -1.50 23.71 12.24
CA GLY B 252 -2.20 24.22 13.42
C GLY B 252 -3.40 23.40 13.87
N GLY B 253 -3.56 22.21 13.29
CA GLY B 253 -4.57 21.28 13.78
C GLY B 253 -5.97 21.78 13.56
N LEU B 254 -6.89 21.38 14.44
CA LEU B 254 -8.31 21.69 14.29
C LEU B 254 -8.80 22.69 15.34
N ASP B 255 -8.06 23.80 15.48
CA ASP B 255 -8.27 24.78 16.54
C ASP B 255 -8.30 26.20 15.96
N PRO B 256 -9.36 26.53 15.21
CA PRO B 256 -10.46 25.66 14.82
C PRO B 256 -10.13 24.87 13.56
N PRO B 257 -11.09 24.06 13.08
CA PRO B 257 -11.02 23.47 11.75
C PRO B 257 -11.09 24.52 10.63
N MET B 258 -10.28 24.32 9.59
CA MET B 258 -10.27 25.21 8.44
C MET B 258 -11.57 25.10 7.66
N GLY B 259 -12.15 26.25 7.31
CA GLY B 259 -13.41 26.30 6.58
C GLY B 259 -13.34 27.15 5.32
N ASP B 260 -14.50 27.54 4.84
CA ASP B 260 -14.66 28.24 3.58
C ASP B 260 -13.78 29.49 3.50
N ALA B 261 -13.97 30.43 4.43
CA ALA B 261 -13.19 31.66 4.49
C ALA B 261 -11.68 31.41 4.41
N GLU B 262 -11.23 30.38 5.13
CA GLU B 262 -9.80 29.98 5.17
C GLU B 262 -9.30 29.54 3.81
N TYR B 263 -10.08 28.70 3.13
CA TYR B 263 -9.74 28.28 1.77
C TYR B 263 -9.94 29.42 0.78
N LEU B 264 -11.05 30.16 0.92
CA LEU B 264 -11.33 31.32 0.07
C LEU B 264 -10.23 32.37 0.14
N ALA B 265 -9.70 32.59 1.35
CA ALA B 265 -8.54 33.44 1.50
C ALA B 265 -7.37 32.87 0.70
N ALA B 266 -7.08 31.58 0.92
CA ALA B 266 -5.96 30.86 0.30
C ALA B 266 -5.95 31.00 -1.22
N PHE B 267 -7.13 30.95 -1.82
CA PHE B 267 -7.28 31.19 -3.26
C PHE B 267 -6.89 32.62 -3.61
N ARG B 268 -7.54 33.57 -2.92
CA ARG B 268 -7.30 34.99 -3.12
C ARG B 268 -5.83 35.37 -3.07
N THR B 269 -5.09 34.77 -2.13
CA THR B 269 -3.72 35.18 -1.81
C THR B 269 -2.60 34.32 -2.40
N VAL B 270 -2.87 33.06 -2.75
CA VAL B 270 -1.81 32.16 -3.22
C VAL B 270 -2.14 31.48 -4.56
N VAL B 271 -3.19 30.68 -4.56
CA VAL B 271 -3.55 29.88 -5.73
C VAL B 271 -3.63 30.73 -6.99
N MET B 272 -4.58 31.68 -7.00
CA MET B 272 -4.94 32.44 -8.18
C MET B 272 -3.89 33.46 -8.65
N PRO B 273 -3.27 34.21 -7.72
CA PRO B 273 -2.12 35.07 -8.07
C PRO B 273 -1.01 34.37 -8.88
N ILE B 274 -0.54 33.22 -8.37
CA ILE B 274 0.53 32.45 -9.02
C ILE B 274 0.05 31.79 -10.32
N ALA B 275 -1.16 31.25 -10.30
CA ALA B 275 -1.74 30.62 -11.47
C ALA B 275 -1.91 31.61 -12.63
N SER B 276 -2.34 32.83 -12.30
CA SER B 276 -2.63 33.87 -13.31
C SER B 276 -1.35 34.34 -13.98
N GLU B 277 -0.37 34.66 -13.14
CA GLU B 277 0.98 34.99 -13.58
C GLU B 277 1.51 33.90 -14.50
N PHE B 278 1.53 32.67 -13.99
CA PHE B 278 1.97 31.50 -14.74
C PHE B 278 1.18 31.32 -16.04
N ALA B 279 -0.13 31.49 -15.96
CA ALA B 279 -1.03 31.55 -17.13
C ALA B 279 -0.95 30.30 -17.99
N PRO B 280 -1.75 29.26 -17.65
CA PRO B 280 -1.61 27.96 -18.28
C PRO B 280 -2.54 27.77 -19.47
N ASP B 281 -2.28 26.72 -20.25
CA ASP B 281 -3.12 26.34 -21.40
C ASP B 281 -4.26 25.39 -20.97
N VAL B 282 -3.98 24.52 -20.00
CA VAL B 282 -4.95 23.54 -19.52
C VAL B 282 -4.90 23.44 -17.98
N VAL B 283 -6.08 23.45 -17.34
CA VAL B 283 -6.21 23.24 -15.89
C VAL B 283 -6.73 21.83 -15.62
N LEU B 284 -5.95 21.03 -14.90
CA LEU B 284 -6.41 19.73 -14.41
C LEU B 284 -6.56 19.82 -12.89
N VAL B 285 -7.78 19.66 -12.38
CA VAL B 285 -8.02 19.70 -10.94
C VAL B 285 -8.17 18.29 -10.38
N SER B 286 -7.30 17.91 -9.45
CA SER B 286 -7.51 16.72 -8.65
C SER B 286 -8.60 17.05 -7.62
N SER B 287 -9.84 16.91 -8.05
CA SER B 287 -10.96 17.44 -7.30
C SER B 287 -11.44 16.47 -6.22
N GLY B 288 -10.75 16.44 -5.08
CA GLY B 288 -11.19 15.63 -3.94
C GLY B 288 -12.08 16.43 -3.01
N PHE B 289 -13.11 15.79 -2.46
CA PHE B 289 -14.08 16.47 -1.59
C PHE B 289 -14.03 16.00 -0.12
N ASP B 290 -12.85 15.61 0.37
CA ASP B 290 -12.73 15.22 1.79
C ASP B 290 -12.45 16.41 2.71
N ALA B 291 -12.34 17.61 2.13
CA ALA B 291 -12.28 18.86 2.92
C ALA B 291 -13.69 19.30 3.36
N VAL B 292 -14.72 18.80 2.68
CA VAL B 292 -16.09 19.20 2.95
C VAL B 292 -16.53 18.75 4.34
N GLU B 293 -17.58 19.41 4.85
CA GLU B 293 -18.13 19.11 6.17
C GLU B 293 -18.77 17.75 6.24
N GLY B 294 -18.45 17.00 7.29
CA GLY B 294 -19.01 15.67 7.50
C GLY B 294 -18.03 14.53 7.28
N HIS B 295 -16.74 14.87 7.22
CA HIS B 295 -15.70 13.88 7.29
C HIS B 295 -15.05 14.05 8.66
N PRO B 296 -15.11 13.01 9.51
CA PRO B 296 -14.57 13.13 10.87
C PRO B 296 -13.07 13.41 10.94
N THR B 297 -12.56 13.61 12.16
CA THR B 297 -11.20 14.08 12.39
C THR B 297 -10.16 13.39 11.51
N PRO B 298 -10.02 12.05 11.62
CA PRO B 298 -8.84 11.41 11.04
C PRO B 298 -8.90 11.22 9.51
N LEU B 299 -10.01 10.72 9.00
CA LEU B 299 -10.15 10.48 7.55
C LEU B 299 -10.82 11.70 6.93
N GLY B 300 -10.38 12.88 7.35
CA GLY B 300 -11.01 14.17 6.99
C GLY B 300 -10.52 15.34 7.83
N GLY B 301 -11.43 16.01 8.54
CA GLY B 301 -11.04 17.01 9.54
C GLY B 301 -11.69 18.39 9.45
N TYR B 302 -11.81 18.92 8.23
CA TYR B 302 -12.22 20.31 8.00
C TYR B 302 -13.71 20.42 7.66
N ASN B 303 -14.19 21.65 7.55
CA ASN B 303 -15.60 21.93 7.34
C ASN B 303 -15.88 22.97 6.24
N LEU B 304 -15.56 22.61 5.00
CA LEU B 304 -15.95 23.42 3.85
C LEU B 304 -17.36 23.05 3.49
N SER B 305 -18.15 24.04 3.09
CA SER B 305 -19.43 23.77 2.45
C SER B 305 -19.17 23.26 1.04
N ALA B 306 -20.13 22.53 0.47
CA ALA B 306 -20.04 22.12 -0.95
C ALA B 306 -20.13 23.34 -1.84
N ARG B 307 -21.10 24.20 -1.53
CA ARG B 307 -21.31 25.51 -2.15
C ARG B 307 -20.03 26.23 -2.54
N CYS B 308 -19.06 26.20 -1.62
CA CYS B 308 -17.76 26.83 -1.81
C CYS B 308 -16.96 26.26 -2.98
N PHE B 309 -16.97 24.93 -3.13
CA PHE B 309 -16.23 24.30 -4.22
C PHE B 309 -16.72 24.77 -5.60
N GLY B 310 -18.00 25.09 -5.69
CA GLY B 310 -18.54 25.73 -6.89
C GLY B 310 -17.81 27.03 -7.15
N TYR B 311 -17.84 27.92 -6.16
CA TYR B 311 -17.07 29.16 -6.21
C TYR B 311 -15.63 28.92 -6.64
N LEU B 312 -15.00 27.86 -6.13
CA LEU B 312 -13.60 27.52 -6.46
C LEU B 312 -13.43 27.07 -7.89
N THR B 313 -14.40 26.30 -8.38
CA THR B 313 -14.43 25.96 -9.78
C THR B 313 -14.55 27.26 -10.58
N LYS B 314 -15.57 28.05 -10.25
CA LYS B 314 -15.86 29.32 -10.94
C LYS B 314 -14.62 30.22 -11.06
N GLN B 315 -13.82 30.28 -10.01
CA GLN B 315 -12.57 31.03 -10.06
C GLN B 315 -11.54 30.35 -10.98
N LEU B 316 -11.32 29.06 -10.80
CA LEU B 316 -10.39 28.32 -11.65
C LEU B 316 -10.76 28.39 -13.14
N MET B 317 -12.04 28.61 -13.43
CA MET B 317 -12.50 28.80 -14.82
C MET B 317 -12.00 30.12 -15.43
N GLY B 318 -11.48 31.02 -14.61
CA GLY B 318 -10.90 32.26 -15.11
C GLY B 318 -9.66 32.02 -15.95
N LEU B 319 -8.94 30.93 -15.69
CA LEU B 319 -7.66 30.65 -16.32
C LEU B 319 -7.79 29.77 -17.56
N ALA B 320 -6.89 29.96 -18.52
CA ALA B 320 -6.71 29.06 -19.68
C ALA B 320 -7.92 28.94 -20.62
N GLY B 321 -8.63 30.05 -20.82
CA GLY B 321 -9.81 30.05 -21.68
C GLY B 321 -10.97 29.24 -21.15
N GLY B 322 -10.91 28.87 -19.87
CA GLY B 322 -11.88 28.00 -19.27
C GLY B 322 -11.63 26.53 -19.56
N ARG B 323 -10.44 26.21 -20.07
CA ARG B 323 -10.07 24.82 -20.40
C ARG B 323 -9.83 23.99 -19.15
N ILE B 324 -10.88 23.80 -18.36
CA ILE B 324 -10.76 23.14 -17.07
C ILE B 324 -11.40 21.75 -17.16
N VAL B 325 -10.80 20.81 -16.45
CA VAL B 325 -11.37 19.49 -16.23
C VAL B 325 -11.16 19.13 -14.75
N LEU B 326 -12.22 18.71 -14.07
CA LEU B 326 -12.10 18.20 -12.70
C LEU B 326 -12.15 16.68 -12.76
N ALA B 327 -11.53 16.04 -11.78
CA ALA B 327 -11.51 14.57 -11.71
C ALA B 327 -11.57 14.13 -10.24
N LEU B 328 -12.50 13.24 -9.94
CA LEU B 328 -12.75 12.83 -8.56
C LEU B 328 -11.55 12.12 -7.93
N GLU B 329 -11.25 12.51 -6.69
CA GLU B 329 -10.20 11.87 -5.91
C GLU B 329 -10.84 11.36 -4.62
N GLY B 330 -10.72 12.10 -3.51
CA GLY B 330 -11.25 11.65 -2.22
C GLY B 330 -12.65 12.17 -1.91
N GLY B 331 -13.03 12.13 -0.63
CA GLY B 331 -14.37 12.53 -0.21
C GLY B 331 -15.32 11.35 -0.14
N TYR B 332 -15.72 10.98 1.07
CA TYR B 332 -16.40 9.71 1.33
C TYR B 332 -17.81 9.81 1.91
N ASP B 333 -18.15 10.94 2.51
CA ASP B 333 -19.52 11.16 2.97
C ASP B 333 -20.41 11.41 1.75
N LEU B 334 -21.43 10.58 1.60
CA LEU B 334 -22.22 10.52 0.38
C LEU B 334 -23.01 11.79 0.10
N THR B 335 -23.54 12.43 1.13
CA THR B 335 -24.22 13.72 0.96
C THR B 335 -23.25 14.82 0.51
N ALA B 336 -22.12 14.90 1.21
CA ALA B 336 -21.10 15.91 0.93
C ALA B 336 -20.60 15.86 -0.51
N ILE B 337 -20.23 14.66 -0.97
CA ILE B 337 -19.63 14.51 -2.30
C ILE B 337 -20.67 14.66 -3.40
N CYS B 338 -21.93 14.35 -3.09
CA CYS B 338 -23.02 14.62 -4.03
C CYS B 338 -23.29 16.12 -4.12
N ASP B 339 -23.37 16.79 -2.96
CA ASP B 339 -23.52 18.24 -2.92
C ASP B 339 -22.45 18.92 -3.76
N ALA B 340 -21.18 18.67 -3.43
CA ALA B 340 -20.07 19.33 -4.10
C ALA B 340 -20.08 19.05 -5.61
N SER B 341 -20.33 17.80 -5.98
CA SER B 341 -20.44 17.44 -7.39
C SER B 341 -21.55 18.23 -8.08
N GLU B 342 -22.68 18.41 -7.39
CA GLU B 342 -23.78 19.25 -7.91
C GLU B 342 -23.30 20.69 -8.15
N ALA B 343 -22.57 21.22 -7.18
CA ALA B 343 -22.07 22.60 -7.23
C ALA B 343 -21.00 22.79 -8.30
N CYS B 344 -20.05 21.87 -8.38
CA CYS B 344 -18.94 21.96 -9.33
C CYS B 344 -19.41 21.90 -10.78
N VAL B 345 -20.31 20.97 -11.07
CA VAL B 345 -20.84 20.80 -12.42
C VAL B 345 -21.75 21.96 -12.80
N SER B 346 -22.59 22.40 -11.87
CA SER B 346 -23.43 23.57 -12.10
C SER B 346 -22.59 24.76 -12.56
N ALA B 347 -21.51 25.03 -11.82
CA ALA B 347 -20.58 26.10 -12.16
C ALA B 347 -19.88 25.87 -13.52
N LEU B 348 -19.57 24.61 -13.83
CA LEU B 348 -19.00 24.26 -15.13
C LEU B 348 -19.95 24.63 -16.28
N LEU B 349 -21.22 24.37 -16.09
CA LEU B 349 -22.25 24.75 -17.07
C LEU B 349 -22.51 26.26 -17.11
N GLY B 350 -21.91 26.99 -16.19
CA GLY B 350 -22.03 28.44 -16.15
C GLY B 350 -23.38 28.86 -15.61
N ASN B 351 -24.00 27.98 -14.81
CA ASN B 351 -25.27 28.32 -14.14
C ASN B 351 -25.03 29.34 -13.03
N GLU B 352 -26.01 30.21 -12.82
CA GLU B 352 -25.93 31.23 -11.77
C GLU B 352 -25.85 30.51 -10.44
N LEU B 353 -24.88 30.89 -9.62
CA LEU B 353 -24.56 30.17 -8.40
C LEU B 353 -25.36 30.64 -7.20
N ASP B 354 -25.57 29.74 -6.25
CA ASP B 354 -26.22 30.08 -4.99
C ASP B 354 -25.25 30.93 -4.16
N PRO B 355 -25.63 32.19 -3.88
CA PRO B 355 -24.73 33.09 -3.14
C PRO B 355 -24.27 32.54 -1.80
N LEU B 356 -23.04 32.88 -1.42
CA LEU B 356 -22.45 32.43 -0.15
C LEU B 356 -23.12 33.15 1.02
N PRO B 357 -23.25 32.47 2.17
CA PRO B 357 -23.85 33.10 3.34
C PRO B 357 -23.09 34.34 3.80
N GLU B 358 -23.76 35.49 3.80
CA GLU B 358 -23.19 36.76 4.26
C GLU B 358 -22.09 36.54 5.31
N LYS B 359 -22.43 35.74 6.33
CA LYS B 359 -21.48 35.33 7.36
C LYS B 359 -20.10 34.97 6.81
N VAL B 360 -20.05 33.94 5.97
CA VAL B 360 -18.78 33.43 5.43
C VAL B 360 -18.02 34.49 4.63
N LEU B 361 -18.76 35.28 3.84
CA LEU B 361 -18.18 36.40 3.09
C LEU B 361 -17.57 37.47 4.01
N GLN B 362 -18.14 37.63 5.20
CA GLN B 362 -17.66 38.60 6.18
C GLN B 362 -16.61 38.07 7.14
N GLN B 363 -16.47 36.74 7.25
CA GLN B 363 -15.59 36.16 8.27
C GLN B 363 -14.09 36.24 7.92
N ARG B 364 -13.30 36.79 8.84
CA ARG B 364 -11.83 36.81 8.70
C ARG B 364 -11.24 35.42 8.97
N PRO B 365 -10.18 35.04 8.24
CA PRO B 365 -9.67 33.68 8.38
C PRO B 365 -8.99 33.45 9.72
N ASN B 366 -9.08 32.24 10.25
CA ASN B 366 -8.48 31.94 11.56
C ASN B 366 -6.95 32.11 11.54
N ALA B 367 -6.36 32.25 12.73
CA ALA B 367 -4.96 32.59 12.85
C ALA B 367 -4.08 31.48 12.27
N ASN B 368 -4.35 30.23 12.64
CA ASN B 368 -3.59 29.06 12.14
C ASN B 368 -3.48 29.06 10.61
N ALA B 369 -4.55 29.53 9.96
CA ALA B 369 -4.54 29.71 8.51
C ALA B 369 -3.64 30.87 8.14
N VAL B 370 -4.00 32.06 8.60
CA VAL B 370 -3.27 33.28 8.26
C VAL B 370 -1.76 33.04 8.38
N ARG B 371 -1.36 32.34 9.43
CA ARG B 371 0.03 31.98 9.67
C ARG B 371 0.55 30.96 8.63
N SER B 372 -0.27 29.97 8.29
CA SER B 372 0.07 29.00 7.24
C SER B 372 0.22 29.65 5.86
N MET B 373 -0.59 30.67 5.60
CA MET B 373 -0.55 31.37 4.31
C MET B 373 0.70 32.22 4.16
N GLU B 374 1.00 32.99 5.21
CA GLU B 374 2.14 33.91 5.22
C GLU B 374 3.46 33.17 5.06
N LYS B 375 3.57 32.00 5.68
CA LYS B 375 4.76 31.15 5.53
C LYS B 375 4.94 30.69 4.08
N VAL B 376 3.84 30.23 3.48
CA VAL B 376 3.87 29.76 2.10
C VAL B 376 4.14 30.92 1.16
N MET B 377 3.39 32.01 1.34
CA MET B 377 3.60 33.25 0.59
C MET B 377 5.06 33.72 0.66
N GLU B 378 5.60 33.76 1.88
CA GLU B 378 6.99 34.14 2.12
C GLU B 378 7.93 33.31 1.25
N ILE B 379 7.83 31.99 1.35
CA ILE B 379 8.69 31.08 0.58
C ILE B 379 8.61 31.37 -0.92
N HIS B 380 7.39 31.39 -1.44
CA HIS B 380 7.17 31.53 -2.89
C HIS B 380 7.18 32.97 -3.39
N SER B 381 7.46 33.94 -2.50
CA SER B 381 7.83 35.30 -2.92
C SER B 381 9.23 35.33 -3.54
N LYS B 382 9.99 34.24 -3.39
CA LYS B 382 11.28 34.14 -4.03
C LYS B 382 11.13 33.90 -5.54
N TYR B 383 10.09 33.16 -5.94
CA TYR B 383 9.99 32.70 -7.32
C TYR B 383 8.83 33.31 -8.12
N TRP B 384 8.08 34.25 -7.51
CA TRP B 384 6.89 34.80 -8.16
C TRP B 384 6.71 36.30 -7.89
N ARG B 385 6.48 37.07 -8.94
CA ARG B 385 6.44 38.54 -8.87
C ARG B 385 5.24 39.07 -8.08
N CYS B 386 4.09 38.39 -8.17
CA CYS B 386 2.87 38.83 -7.47
C CYS B 386 2.98 38.64 -5.94
N LEU B 387 4.05 38.00 -5.47
CA LEU B 387 4.35 37.88 -4.04
C LEU B 387 5.53 38.77 -3.58
N GLN B 388 6.28 39.31 -4.54
CA GLN B 388 7.45 40.14 -4.23
C GLN B 388 7.08 41.62 -4.00
N ARG B 389 6.03 42.08 -4.69
CA ARG B 389 5.60 43.46 -4.61
C ARG B 389 5.00 43.82 -3.24
N THR B 390 4.11 42.95 -2.76
CA THR B 390 3.08 43.35 -1.79
C THR B 390 3.45 43.04 -0.33
N THR B 391 2.69 43.69 0.57
CA THR B 391 2.65 43.33 2.00
C THR B 391 1.49 42.35 2.21
N SER B 392 1.50 41.62 3.32
CA SER B 392 0.50 40.55 3.57
C SER B 392 -0.89 41.09 3.90
N THR B 393 -1.92 40.44 3.35
CA THR B 393 -3.32 40.78 3.58
C THR B 393 -4.17 39.53 3.83
N ALA B 394 -3.53 38.44 4.26
CA ALA B 394 -4.19 37.15 4.43
C ALA B 394 -5.02 37.07 5.72
N GLY B 395 -5.08 38.16 6.47
CA GLY B 395 -5.90 38.26 7.68
C GLY B 395 -7.29 38.81 7.46
N ARG B 396 -7.55 39.35 6.26
CA ARG B 396 -8.81 40.03 5.93
C ARG B 396 -9.87 39.08 5.42
N SER B 397 -11.13 39.43 5.63
CA SER B 397 -12.23 38.69 5.05
C SER B 397 -12.32 38.99 3.56
N LEU B 398 -13.20 38.28 2.87
CA LEU B 398 -13.40 38.52 1.44
C LEU B 398 -13.93 39.92 1.24
N ILE B 399 -15.07 40.23 1.88
CA ILE B 399 -15.72 41.54 1.73
C ILE B 399 -14.76 42.69 1.97
N GLU B 400 -13.91 42.55 2.97
CA GLU B 400 -12.90 43.55 3.27
C GLU B 400 -11.88 43.67 2.14
N ALA B 401 -11.23 42.56 1.78
CA ALA B 401 -10.27 42.56 0.66
C ALA B 401 -10.79 43.28 -0.58
N GLN B 402 -12.09 43.13 -0.86
CA GLN B 402 -12.75 43.78 -1.99
C GLN B 402 -13.01 45.29 -1.75
N THR B 403 -12.88 45.74 -0.51
CA THR B 403 -12.87 47.18 -0.19
C THR B 403 -11.46 47.80 -0.32
N CYS B 404 -10.44 46.99 -0.59
CA CYS B 404 -9.04 47.46 -0.73
C CYS B 404 -8.47 47.22 -2.14
N GLU B 405 -9.36 47.12 -3.14
CA GLU B 405 -8.93 46.89 -4.53
C GLU B 405 -9.79 47.71 -5.48
#